data_2VH4
#
_entry.id   2VH4
#
_cell.length_a   42.895
_cell.length_b   68.669
_cell.length_c   137.651
_cell.angle_alpha   90.00
_cell.angle_beta   93.45
_cell.angle_gamma   90.00
#
_symmetry.space_group_name_H-M   'P 1 21 1'
#
loop_
_entity.id
_entity.type
_entity.pdbx_description
1 polymer TENGPIN
2 water water
#
_entity_poly.entity_id   1
_entity_poly.type   'polypeptide(L)'
_entity_poly.pdbx_seq_one_letter_code
;DRIKANPVSEKNIDEKFIYNTADFSIELFKNSIDDKENSLISPLSAMLALAMTANGADNETLAQMEKALGKDISIEDLNK
YLYTYMKKLPNEEKSKLTIANSIWFKENDFMPSKDFLQIIADYYKADIFKAAFDSSTVSDINNWVKSKTNGMIDKILNKI
DPEDVMYLINAVAFDAEWETVYEKASVHEDIFTDVYGNRQKVEFMNSEENLYIEEENAIGFVKPYAKNHYSFVAILPDEN
ISVNEYIKTLTGQKFIDLIKNAKITLVRASLPKFKYEYTIKMNETLESLGMTDAFLPDKADFSKLGKSDIGNLYISEVLH
KTFISVDELGTKAGAVTSVDITAAGIPVNFKTVKLNRPFIFAIIDNSTNLPIFIGTVLSLK
;
_entity_poly.pdbx_strand_id   A,B
#
# COMPACT_ATOMS: atom_id res chain seq x y z
N ASP A 1 -0.28 6.32 10.09
CA ASP A 1 -1.21 5.88 11.17
C ASP A 1 -1.93 4.59 10.77
N ARG A 2 -2.92 4.72 9.88
CA ARG A 2 -3.66 3.56 9.38
C ARG A 2 -2.91 2.92 8.22
N ILE A 3 -2.62 3.70 7.19
CA ILE A 3 -1.81 3.25 6.05
C ILE A 3 -0.34 3.08 6.49
N LYS A 4 0.11 1.82 6.49
CA LYS A 4 1.44 1.46 6.97
C LYS A 4 2.38 1.23 5.80
N ALA A 5 3.42 2.04 5.69
CA ALA A 5 4.40 1.92 4.61
C ALA A 5 4.99 0.51 4.53
N ASN A 6 5.01 -0.05 3.33
CA ASN A 6 5.61 -1.37 3.10
C ASN A 6 6.99 -1.23 2.49
N PRO A 7 7.91 -2.17 2.79
CA PRO A 7 9.21 -2.19 2.12
C PRO A 7 9.07 -2.31 0.61
N VAL A 8 9.89 -1.57 -0.13
CA VAL A 8 9.92 -1.59 -1.59
C VAL A 8 11.33 -1.82 -2.11
N SER A 9 11.44 -2.23 -3.37
CA SER A 9 12.75 -2.45 -4.01
C SER A 9 13.33 -1.14 -4.52
N GLU A 10 14.64 -0.99 -4.41
CA GLU A 10 15.35 0.13 -5.01
C GLU A 10 15.49 -0.07 -6.51
N LYS A 11 15.61 1.03 -7.23
CA LYS A 11 16.03 1.00 -8.63
C LYS A 11 17.20 1.95 -8.74
N ASN A 12 18.40 1.38 -8.93
CA ASN A 12 19.62 2.15 -9.00
C ASN A 12 19.51 3.31 -9.97
N ILE A 13 19.94 4.48 -9.52
CA ILE A 13 20.00 5.67 -10.38
C ILE A 13 20.97 5.41 -11.56
N ASP A 14 20.55 5.79 -12.76
CA ASP A 14 21.26 5.44 -13.97
C ASP A 14 21.16 6.58 -14.99
N GLU A 15 21.79 6.41 -16.15
CA GLU A 15 21.82 7.43 -17.19
C GLU A 15 20.41 7.85 -17.61
N LYS A 16 19.50 6.88 -17.72
CA LYS A 16 18.11 7.14 -18.09
C LYS A 16 17.40 8.13 -17.14
N PHE A 17 17.47 7.87 -15.83
CA PHE A 17 16.85 8.75 -14.85
C PHE A 17 17.53 10.10 -14.86
N ILE A 18 18.86 10.10 -14.86
CA ILE A 18 19.63 11.31 -14.84
C ILE A 18 19.25 12.21 -16.01
N TYR A 19 19.34 11.67 -17.21
CA TYR A 19 19.10 12.46 -18.42
C TYR A 19 17.63 12.78 -18.69
N ASN A 20 16.73 11.89 -18.30
CA ASN A 20 15.29 12.14 -18.45
C ASN A 20 14.80 13.20 -17.48
N THR A 21 15.30 13.14 -16.25
CA THR A 21 14.94 14.08 -15.20
C THR A 21 15.62 15.43 -15.47
N ALA A 22 16.79 15.37 -16.10
CA ALA A 22 17.47 16.57 -16.57
C ALA A 22 16.61 17.26 -17.61
N ASP A 23 16.04 16.44 -18.50
CA ASP A 23 15.23 16.95 -19.58
C ASP A 23 13.99 17.64 -19.06
N PHE A 24 13.30 17.01 -18.11
CA PHE A 24 12.16 17.62 -17.43
C PHE A 24 12.56 18.92 -16.70
N SER A 25 13.67 18.87 -15.95
CA SER A 25 14.14 20.02 -15.16
C SER A 25 14.41 21.29 -15.99
N ILE A 26 15.20 21.14 -17.06
CA ILE A 26 15.52 22.26 -17.94
C ILE A 26 14.27 22.76 -18.70
N GLU A 27 13.42 21.84 -19.14
CA GLU A 27 12.15 22.21 -19.79
C GLU A 27 11.18 22.90 -18.81
N LEU A 28 11.15 22.40 -17.58
CA LEU A 28 10.37 23.06 -16.52
C LEU A 28 10.89 24.47 -16.31
N PHE A 29 12.22 24.60 -16.28
CA PHE A 29 12.87 25.90 -16.10
C PHE A 29 12.52 26.88 -17.23
N LYS A 30 12.82 26.49 -18.45
CA LYS A 30 12.66 27.42 -19.57
C LYS A 30 11.20 27.81 -19.88
N ASN A 31 10.25 27.04 -19.35
CA ASN A 31 8.84 27.41 -19.45
C ASN A 31 8.30 28.06 -18.17
N SER A 32 9.13 28.07 -17.12
CA SER A 32 8.81 28.74 -15.85
C SER A 32 9.19 30.23 -15.85
N ILE A 33 10.35 30.55 -16.41
CA ILE A 33 10.87 31.92 -16.34
C ILE A 33 9.95 32.94 -16.99
N ASP A 34 9.84 34.10 -16.37
CA ASP A 34 8.95 35.14 -16.85
C ASP A 34 9.58 36.52 -16.67
N ASP A 35 8.74 37.56 -16.58
CA ASP A 35 9.22 38.94 -16.46
C ASP A 35 10.00 39.18 -15.16
N LYS A 36 9.76 38.33 -14.15
CA LYS A 36 10.40 38.47 -12.86
C LYS A 36 11.91 38.31 -12.97
N GLU A 37 12.61 39.33 -12.47
CA GLU A 37 14.06 39.37 -12.50
C GLU A 37 14.61 38.28 -11.56
N ASN A 38 14.11 38.25 -10.33
CA ASN A 38 14.43 37.17 -9.41
C ASN A 38 13.43 36.03 -9.57
N SER A 39 13.93 34.84 -9.89
CA SER A 39 13.09 33.64 -9.95
C SER A 39 13.84 32.41 -9.43
N LEU A 40 13.11 31.41 -8.98
CA LEU A 40 13.71 30.19 -8.45
C LEU A 40 12.72 29.05 -8.46
N ILE A 41 13.11 27.95 -9.10
CA ILE A 41 12.30 26.74 -9.09
C ILE A 41 13.11 25.57 -8.55
N SER A 42 12.41 24.61 -7.96
CA SER A 42 12.99 23.35 -7.58
C SER A 42 12.31 22.23 -8.37
N PRO A 43 12.93 21.84 -9.51
CA PRO A 43 12.40 20.75 -10.34
C PRO A 43 12.20 19.44 -9.58
N LEU A 44 13.07 19.18 -8.62
CA LEU A 44 12.94 18.01 -7.77
C LEU A 44 11.64 18.05 -6.98
N SER A 45 11.35 19.20 -6.36
CA SER A 45 10.15 19.39 -5.55
C SER A 45 8.86 19.22 -6.37
N ALA A 46 8.83 19.83 -7.55
CA ALA A 46 7.70 19.72 -8.46
C ALA A 46 7.58 18.30 -9.02
N MET A 47 8.71 17.70 -9.36
CA MET A 47 8.77 16.30 -9.79
C MET A 47 8.05 15.41 -8.78
N LEU A 48 8.44 15.50 -7.51
CA LEU A 48 7.91 14.60 -6.49
C LEU A 48 6.41 14.81 -6.27
N ALA A 49 5.99 16.07 -6.16
CA ALA A 49 4.57 16.39 -5.95
C ALA A 49 3.72 15.93 -7.13
N LEU A 50 4.27 16.05 -8.34
CA LEU A 50 3.56 15.63 -9.55
C LEU A 50 3.62 14.12 -9.78
N ALA A 51 4.71 13.48 -9.36
CA ALA A 51 4.84 12.02 -9.43
C ALA A 51 3.82 11.36 -8.50
N MET A 52 3.64 11.92 -7.32
CA MET A 52 2.62 11.45 -6.38
C MET A 52 1.24 11.53 -7.01
N THR A 53 0.97 12.65 -7.70
CA THR A 53 -0.35 12.93 -8.25
C THR A 53 -0.64 12.03 -9.44
N ALA A 54 0.39 11.80 -10.26
CA ALA A 54 0.29 10.91 -11.41
C ALA A 54 -0.21 9.50 -11.04
N ASN A 55 0.10 9.05 -9.81
CA ASN A 55 -0.37 7.75 -9.31
C ASN A 55 -1.90 7.66 -9.12
N GLY A 56 -2.57 8.81 -9.16
CA GLY A 56 -4.02 8.86 -9.09
C GLY A 56 -4.67 9.08 -10.44
N ALA A 57 -3.85 9.29 -11.46
CA ALA A 57 -4.34 9.55 -12.80
C ALA A 57 -4.52 8.25 -13.56
N ASP A 58 -5.42 8.27 -14.54
CA ASP A 58 -5.62 7.12 -15.40
C ASP A 58 -5.81 7.58 -16.85
N ASN A 59 -5.62 6.64 -17.78
CA ASN A 59 -5.85 6.87 -19.20
C ASN A 59 -5.00 8.02 -19.77
N GLU A 60 -5.64 9.00 -20.40
CA GLU A 60 -4.93 10.09 -21.07
C GLU A 60 -4.32 11.08 -20.09
N THR A 61 -4.98 11.28 -18.95
CA THR A 61 -4.44 12.14 -17.90
C THR A 61 -3.14 11.55 -17.36
N LEU A 62 -3.13 10.23 -17.14
CA LEU A 62 -1.91 9.52 -16.74
C LEU A 62 -0.84 9.56 -17.81
N ALA A 63 -1.20 9.19 -19.03
CA ALA A 63 -0.23 9.10 -20.11
C ALA A 63 0.47 10.44 -20.36
N GLN A 64 -0.30 11.52 -20.30
CA GLN A 64 0.26 12.89 -20.44
C GLN A 64 1.23 13.23 -19.29
N MET A 65 0.90 12.80 -18.07
CA MET A 65 1.74 13.07 -16.89
C MET A 65 3.02 12.23 -16.88
N GLU A 66 2.93 10.95 -17.23
CA GLU A 66 4.12 10.10 -17.36
C GLU A 66 5.12 10.65 -18.38
N LYS A 67 4.60 11.03 -19.55
CA LYS A 67 5.37 11.61 -20.65
C LYS A 67 6.00 12.94 -20.24
N ALA A 68 5.24 13.78 -19.55
CA ALA A 68 5.72 15.09 -19.14
C ALA A 68 6.84 15.01 -18.11
N LEU A 69 6.75 14.02 -17.21
CA LEU A 69 7.71 13.87 -16.12
C LEU A 69 8.89 12.98 -16.47
N GLY A 70 8.61 11.84 -17.07
CA GLY A 70 9.62 10.81 -17.27
C GLY A 70 9.93 10.44 -18.70
N LYS A 71 9.33 11.17 -19.66
CA LYS A 71 9.48 10.86 -21.07
C LYS A 71 8.96 9.45 -21.37
N ASP A 72 9.83 8.47 -21.19
CA ASP A 72 9.53 7.07 -21.51
C ASP A 72 9.58 6.20 -20.25
N ILE A 73 9.80 6.85 -19.11
CA ILE A 73 9.77 6.16 -17.84
C ILE A 73 8.30 6.03 -17.44
N SER A 74 7.90 4.81 -17.10
CA SER A 74 6.54 4.57 -16.61
C SER A 74 6.47 5.11 -15.19
N ILE A 75 5.26 5.45 -14.73
CA ILE A 75 5.08 5.94 -13.36
C ILE A 75 5.57 4.93 -12.31
N GLU A 76 5.45 3.64 -12.60
CA GLU A 76 5.95 2.57 -11.73
C GLU A 76 7.47 2.63 -11.55
N ASP A 77 8.19 2.79 -12.66
CA ASP A 77 9.65 2.92 -12.61
C ASP A 77 10.06 4.26 -12.04
N LEU A 78 9.20 5.27 -12.23
CA LEU A 78 9.45 6.60 -11.65
C LEU A 78 9.31 6.56 -10.13
N ASN A 79 8.32 5.79 -9.65
CA ASN A 79 8.13 5.53 -8.22
C ASN A 79 9.39 4.94 -7.59
N LYS A 80 9.94 3.89 -8.22
CA LYS A 80 11.15 3.22 -7.74
C LYS A 80 12.35 4.17 -7.75
N TYR A 81 12.51 4.87 -8.88
CA TYR A 81 13.61 5.81 -9.10
C TYR A 81 13.64 6.93 -8.06
N LEU A 82 12.48 7.54 -7.81
CA LEU A 82 12.40 8.66 -6.88
C LEU A 82 12.57 8.24 -5.42
N TYR A 83 12.00 7.09 -5.05
CA TYR A 83 12.25 6.48 -3.74
C TYR A 83 13.76 6.33 -3.52
N THR A 84 14.43 5.65 -4.45
CA THR A 84 15.89 5.47 -4.42
C THR A 84 16.64 6.80 -4.37
N TYR A 85 16.21 7.76 -5.18
CA TYR A 85 16.87 9.07 -5.27
C TYR A 85 16.76 9.86 -3.95
N MET A 86 15.58 9.82 -3.33
CA MET A 86 15.39 10.43 -2.02
C MET A 86 16.19 9.73 -0.94
N LYS A 87 16.28 8.40 -1.03
CA LYS A 87 16.99 7.60 -0.05
C LYS A 87 18.48 7.93 0.01
N LYS A 88 19.10 8.11 -1.15
CA LYS A 88 20.56 8.16 -1.26
C LYS A 88 21.17 9.57 -1.36
N LEU A 89 20.33 10.59 -1.53
CA LEU A 89 20.80 11.98 -1.52
C LEU A 89 21.43 12.33 -0.16
N PRO A 90 22.71 12.75 -0.17
CA PRO A 90 23.46 12.99 1.07
C PRO A 90 22.88 14.11 1.93
N ASN A 91 23.01 13.96 3.24
CA ASN A 91 22.44 14.88 4.20
C ASN A 91 23.20 14.77 5.51
N GLU A 92 23.94 15.82 5.84
CA GLU A 92 24.80 15.83 7.03
C GLU A 92 25.15 17.27 7.38
N GLU A 93 25.84 17.45 8.50
CA GLU A 93 26.31 18.75 8.94
C GLU A 93 27.02 19.50 7.81
N LYS A 94 26.69 20.79 7.66
CA LYS A 94 27.29 21.68 6.65
C LYS A 94 26.83 21.38 5.22
N SER A 95 25.99 20.36 5.06
CA SER A 95 25.55 19.92 3.74
C SER A 95 24.17 19.24 3.86
N LYS A 96 23.20 20.00 4.34
CA LYS A 96 21.88 19.45 4.67
C LYS A 96 20.92 19.47 3.49
N LEU A 97 20.25 18.35 3.26
CA LEU A 97 19.12 18.28 2.33
C LEU A 97 18.08 17.33 2.89
N THR A 98 16.86 17.85 3.10
CA THR A 98 15.73 17.03 3.53
C THR A 98 14.56 17.16 2.56
N ILE A 99 13.80 16.07 2.44
CA ILE A 99 12.67 16.04 1.54
C ILE A 99 11.49 15.42 2.29
N ALA A 100 10.33 16.06 2.18
CA ALA A 100 9.13 15.59 2.86
C ALA A 100 7.93 15.67 1.94
N ASN A 101 7.08 14.65 2.05
CA ASN A 101 5.86 14.57 1.28
C ASN A 101 4.67 14.40 2.20
N SER A 102 3.54 14.97 1.80
CA SER A 102 2.29 14.75 2.54
C SER A 102 1.09 14.73 1.61
N ILE A 103 0.09 13.97 2.04
CA ILE A 103 -1.23 13.98 1.41
C ILE A 103 -2.23 14.43 2.47
N TRP A 104 -3.04 15.44 2.11
CA TRP A 104 -4.14 15.89 2.97
C TRP A 104 -5.43 15.69 2.19
N PHE A 105 -6.42 15.03 2.80
CA PHE A 105 -7.69 14.81 2.12
C PHE A 105 -8.93 15.11 2.98
N LYS A 106 -10.03 15.44 2.31
CA LYS A 106 -11.27 15.82 2.97
C LYS A 106 -11.98 14.61 3.59
N GLU A 107 -12.38 14.76 4.85
CA GLU A 107 -13.09 13.73 5.58
C GLU A 107 -14.54 13.55 5.10
N ASN A 108 -15.05 14.54 4.37
CA ASN A 108 -16.48 14.58 4.02
C ASN A 108 -16.85 13.97 2.67
N ASP A 109 -16.71 14.75 1.61
CA ASP A 109 -17.28 14.42 0.31
C ASP A 109 -16.39 13.52 -0.54
N PHE A 110 -15.26 13.11 0.03
CA PHE A 110 -14.26 12.35 -0.71
C PHE A 110 -13.82 11.08 0.03
N MET A 111 -13.80 9.97 -0.69
CA MET A 111 -13.24 8.74 -0.18
C MET A 111 -12.00 8.37 -0.99
N PRO A 112 -10.80 8.48 -0.38
CA PRO A 112 -9.58 8.14 -1.09
C PRO A 112 -9.48 6.65 -1.37
N SER A 113 -8.79 6.30 -2.45
CA SER A 113 -8.53 4.90 -2.78
C SER A 113 -7.42 4.39 -1.86
N LYS A 114 -7.71 3.29 -1.18
CA LYS A 114 -6.75 2.65 -0.27
C LYS A 114 -5.44 2.31 -0.98
N ASP A 115 -5.53 1.84 -2.23
CA ASP A 115 -4.36 1.50 -3.05
C ASP A 115 -3.51 2.70 -3.43
N PHE A 116 -4.16 3.85 -3.67
CA PHE A 116 -3.41 5.07 -3.97
C PHE A 116 -2.63 5.54 -2.75
N LEU A 117 -3.31 5.61 -1.61
CA LEU A 117 -2.66 6.03 -0.37
C LEU A 117 -1.49 5.12 0.00
N GLN A 118 -1.62 3.83 -0.31
CA GLN A 118 -0.59 2.84 0.00
C GLN A 118 0.67 3.03 -0.83
N ILE A 119 0.51 3.21 -2.15
CA ILE A 119 1.65 3.35 -3.05
C ILE A 119 2.43 4.63 -2.76
N ILE A 120 1.72 5.64 -2.27
CA ILE A 120 2.33 6.91 -1.88
C ILE A 120 3.14 6.71 -0.61
N ALA A 121 2.55 6.08 0.39
CA ALA A 121 3.25 5.79 1.63
C ALA A 121 4.49 4.94 1.37
N ASP A 122 4.36 3.98 0.45
CA ASP A 122 5.42 3.04 0.13
C ASP A 122 6.64 3.67 -0.52
N TYR A 123 6.43 4.50 -1.53
CA TYR A 123 7.53 5.06 -2.33
C TYR A 123 7.93 6.48 -1.96
N TYR A 124 7.02 7.21 -1.33
CA TYR A 124 7.22 8.64 -1.08
C TYR A 124 7.28 8.99 0.40
N LYS A 125 7.15 7.97 1.26
CA LYS A 125 7.21 8.11 2.73
C LYS A 125 6.32 9.24 3.26
N ALA A 126 5.14 9.37 2.66
CA ALA A 126 4.26 10.51 2.92
C ALA A 126 3.56 10.46 4.26
N ASP A 127 3.46 11.61 4.90
CA ASP A 127 2.53 11.82 5.99
C ASP A 127 1.11 11.89 5.42
N ILE A 128 0.20 11.09 5.95
CA ILE A 128 -1.17 11.08 5.45
C ILE A 128 -2.11 11.67 6.49
N PHE A 129 -2.81 12.72 6.09
CA PHE A 129 -3.74 13.41 6.98
C PHE A 129 -5.16 13.43 6.43
N LYS A 130 -6.09 12.89 7.22
CA LYS A 130 -7.52 13.06 7.00
C LYS A 130 -7.92 14.36 7.70
N ALA A 131 -8.58 15.25 6.98
CA ALA A 131 -8.85 16.60 7.50
C ALA A 131 -10.25 17.15 7.16
N ALA A 132 -10.65 18.17 7.91
CA ALA A 132 -11.94 18.82 7.74
C ALA A 132 -11.96 19.80 6.56
N PHE A 133 -10.77 20.29 6.17
CA PHE A 133 -10.61 21.30 5.13
C PHE A 133 -11.33 22.60 5.48
N ASP A 134 -11.08 23.05 6.70
CA ASP A 134 -11.54 24.35 7.17
C ASP A 134 -10.33 25.21 7.51
N SER A 135 -10.56 26.28 8.26
CA SER A 135 -9.50 27.21 8.63
C SER A 135 -8.36 26.57 9.43
N SER A 136 -8.70 25.57 10.25
CA SER A 136 -7.72 24.88 11.08
C SER A 136 -6.79 24.01 10.24
N THR A 137 -7.33 23.44 9.16
CA THR A 137 -6.53 22.68 8.20
C THR A 137 -5.50 23.58 7.54
N VAL A 138 -5.88 24.83 7.28
CA VAL A 138 -4.97 25.85 6.72
C VAL A 138 -3.77 26.05 7.64
N SER A 139 -4.03 26.21 8.94
CA SER A 139 -2.95 26.38 9.92
C SER A 139 -2.15 25.08 10.08
N ASP A 140 -2.82 23.94 10.05
CA ASP A 140 -2.15 22.62 10.08
C ASP A 140 -1.16 22.47 8.92
N ILE A 141 -1.59 22.85 7.72
CA ILE A 141 -0.80 22.68 6.50
C ILE A 141 0.41 23.64 6.51
N ASN A 142 0.16 24.90 6.85
CA ASN A 142 1.25 25.88 6.93
C ASN A 142 2.26 25.54 8.03
N ASN A 143 1.78 25.01 9.15
CA ASN A 143 2.66 24.46 10.21
C ASN A 143 3.59 23.40 9.66
N TRP A 144 3.02 22.48 8.88
CA TRP A 144 3.79 21.41 8.25
C TRP A 144 4.92 21.97 7.37
N VAL A 145 4.60 22.86 6.43
CA VAL A 145 5.60 23.37 5.49
C VAL A 145 6.64 24.27 6.17
N LYS A 146 6.21 25.01 7.21
CA LYS A 146 7.13 25.83 8.00
C LYS A 146 8.17 24.92 8.64
N SER A 147 7.69 23.82 9.21
CA SER A 147 8.53 22.80 9.81
C SER A 147 9.44 22.14 8.78
N LYS A 148 8.85 21.66 7.68
CA LYS A 148 9.59 20.89 6.67
C LYS A 148 10.51 21.71 5.78
N THR A 149 10.41 23.04 5.86
CA THR A 149 11.36 23.92 5.16
C THR A 149 12.28 24.67 6.12
N ASN A 150 12.23 24.31 7.39
CA ASN A 150 13.01 24.94 8.46
C ASN A 150 12.73 26.44 8.58
N GLY A 151 11.47 26.84 8.38
CA GLY A 151 11.09 28.24 8.50
C GLY A 151 11.35 29.09 7.26
N MET A 152 11.86 28.49 6.20
CA MET A 152 12.14 29.24 4.97
C MET A 152 10.85 29.63 4.24
N ILE A 153 9.85 28.76 4.30
CA ILE A 153 8.51 29.03 3.78
C ILE A 153 7.50 28.63 4.85
N ASP A 154 6.86 29.62 5.48
CA ASP A 154 5.91 29.31 6.56
C ASP A 154 4.45 29.18 6.14
N LYS A 155 4.11 29.69 4.96
CA LYS A 155 2.73 29.60 4.46
C LYS A 155 2.65 29.17 2.99
N ILE A 156 1.77 28.21 2.69
CA ILE A 156 1.47 27.81 1.31
C ILE A 156 -0.01 28.10 0.96
N LEU A 157 -0.87 28.04 1.97
CA LEU A 157 -2.31 28.31 1.84
C LEU A 157 -2.73 29.50 2.68
N ASN A 158 -3.83 30.13 2.27
CA ASN A 158 -4.47 31.12 3.12
C ASN A 158 -5.95 30.80 3.34
N LYS A 159 -6.50 29.97 2.44
CA LYS A 159 -7.90 29.54 2.49
C LYS A 159 -8.12 28.27 1.66
N ILE A 160 -9.12 27.48 2.04
CA ILE A 160 -9.46 26.27 1.31
C ILE A 160 -10.84 26.42 0.64
N ASP A 161 -10.86 26.22 -0.68
CA ASP A 161 -12.10 26.14 -1.45
C ASP A 161 -12.97 24.98 -0.96
N PRO A 162 -14.29 25.23 -0.82
CA PRO A 162 -15.26 24.21 -0.38
C PRO A 162 -15.28 22.94 -1.24
N GLU A 163 -14.82 23.03 -2.48
CA GLU A 163 -14.84 21.88 -3.39
C GLU A 163 -13.50 21.15 -3.53
N ASP A 164 -12.49 21.64 -2.82
CA ASP A 164 -11.19 20.95 -2.74
C ASP A 164 -11.34 19.67 -1.91
N VAL A 165 -10.63 18.62 -2.33
CA VAL A 165 -10.69 17.33 -1.64
C VAL A 165 -9.33 16.78 -1.25
N MET A 166 -8.28 17.24 -1.93
CA MET A 166 -6.91 16.74 -1.69
C MET A 166 -5.83 17.76 -2.01
N TYR A 167 -4.82 17.82 -1.15
CA TYR A 167 -3.58 18.52 -1.46
C TYR A 167 -2.44 17.54 -1.39
N LEU A 168 -1.68 17.44 -2.47
CA LEU A 168 -0.45 16.66 -2.49
C LEU A 168 0.68 17.68 -2.38
N ILE A 169 1.49 17.56 -1.34
CA ILE A 169 2.50 18.58 -1.03
C ILE A 169 3.90 18.00 -0.84
N ASN A 170 4.87 18.54 -1.57
CA ASN A 170 6.27 18.22 -1.33
C ASN A 170 7.04 19.43 -0.81
N ALA A 171 7.87 19.21 0.19
CA ALA A 171 8.79 20.23 0.70
C ALA A 171 10.25 19.79 0.58
N VAL A 172 11.12 20.77 0.36
CA VAL A 172 12.55 20.56 0.24
C VAL A 172 13.27 21.66 1.03
N ALA A 173 14.33 21.27 1.74
CA ALA A 173 15.12 22.23 2.49
C ALA A 173 16.60 21.94 2.28
N PHE A 174 17.33 22.98 1.87
CA PHE A 174 18.76 22.88 1.59
C PHE A 174 19.50 23.90 2.46
N ASP A 175 20.48 23.41 3.22
CA ASP A 175 21.31 24.25 4.10
C ASP A 175 22.75 23.73 4.06
N ALA A 176 23.61 24.45 3.35
CA ALA A 176 24.99 24.04 3.19
C ALA A 176 25.99 25.20 3.26
N GLU A 177 27.19 24.88 3.73
CA GLU A 177 28.30 25.84 3.76
C GLU A 177 29.16 25.67 2.52
N TRP A 178 29.73 26.78 2.06
CA TRP A 178 30.79 26.72 1.06
C TRP A 178 31.95 25.89 1.58
N GLU A 179 32.58 25.16 0.67
CA GLU A 179 33.85 24.51 0.96
C GLU A 179 34.87 25.58 1.37
N THR A 180 34.88 26.68 0.64
CA THR A 180 35.73 27.83 0.95
C THR A 180 34.85 29.07 1.06
N VAL A 181 34.63 29.50 2.29
CA VAL A 181 33.79 30.67 2.57
C VAL A 181 34.43 31.94 2.01
N TYR A 182 33.64 33.01 1.87
CA TYR A 182 34.20 34.31 1.53
C TYR A 182 34.53 35.12 2.79
N GLU A 183 35.75 35.62 2.86
CA GLU A 183 36.10 36.68 3.80
C GLU A 183 35.37 37.92 3.31
N LYS A 184 34.94 38.80 4.23
CA LYS A 184 34.24 40.03 3.85
C LYS A 184 35.10 40.93 2.97
N ALA A 185 36.43 40.83 3.11
CA ALA A 185 37.39 41.57 2.29
C ALA A 185 37.34 41.16 0.81
N SER A 186 36.70 40.03 0.53
CA SER A 186 36.48 39.57 -0.84
C SER A 186 35.14 40.07 -1.41
N VAL A 187 34.43 40.85 -0.61
CA VAL A 187 33.09 41.31 -0.94
C VAL A 187 33.07 42.84 -1.06
N HIS A 188 32.34 43.32 -2.07
CA HIS A 188 32.34 44.74 -2.44
C HIS A 188 30.96 45.13 -2.95
N GLU A 189 30.39 46.19 -2.38
CA GLU A 189 29.06 46.65 -2.73
C GLU A 189 29.06 47.70 -3.85
N ASP A 190 28.39 47.37 -4.95
CA ASP A 190 28.24 48.32 -6.05
C ASP A 190 26.83 48.87 -6.07
N ILE A 191 26.74 50.17 -6.30
CA ILE A 191 25.47 50.85 -6.37
C ILE A 191 25.17 51.18 -7.83
N PHE A 192 23.94 50.90 -8.24
CA PHE A 192 23.47 51.20 -9.59
C PHE A 192 21.98 51.52 -9.58
N THR A 193 21.49 52.04 -10.70
CA THR A 193 20.06 52.28 -10.87
C THR A 193 19.52 51.31 -11.92
N ASP A 194 18.43 50.61 -11.58
CA ASP A 194 17.85 49.61 -12.48
C ASP A 194 17.13 50.21 -13.71
N VAL A 195 16.52 49.35 -14.52
CA VAL A 195 15.82 49.78 -15.73
C VAL A 195 14.75 50.84 -15.47
N TYR A 196 14.09 50.73 -14.33
CA TYR A 196 12.94 51.59 -13.98
C TYR A 196 13.33 52.85 -13.21
N GLY A 197 14.62 52.99 -12.91
CA GLY A 197 15.14 54.18 -12.24
C GLY A 197 15.37 54.04 -10.75
N ASN A 198 15.19 52.82 -10.23
CA ASN A 198 15.35 52.55 -8.80
C ASN A 198 16.78 52.21 -8.40
N ARG A 199 17.26 52.88 -7.34
CA ARG A 199 18.56 52.62 -6.74
C ARG A 199 18.63 51.17 -6.22
N GLN A 200 19.61 50.42 -6.74
CA GLN A 200 19.87 49.05 -6.27
C GLN A 200 21.29 48.93 -5.75
N LYS A 201 21.49 48.01 -4.82
CA LYS A 201 22.80 47.75 -4.23
C LYS A 201 23.02 46.27 -4.22
N VAL A 202 24.04 45.83 -4.95
CA VAL A 202 24.37 44.43 -5.02
C VAL A 202 25.78 44.21 -4.48
N GLU A 203 25.89 43.30 -3.54
CA GLU A 203 27.18 42.88 -3.02
C GLU A 203 27.71 41.78 -3.91
N PHE A 204 28.93 41.97 -4.40
CA PHE A 204 29.60 40.96 -5.20
C PHE A 204 30.68 40.25 -4.40
N MET A 205 30.72 38.93 -4.53
CA MET A 205 31.65 38.11 -3.78
C MET A 205 32.69 37.50 -4.71
N ASN A 206 33.96 37.82 -4.46
CA ASN A 206 35.07 37.35 -5.29
C ASN A 206 35.82 36.15 -4.72
N SER A 207 36.03 35.17 -5.60
CA SER A 207 36.74 33.94 -5.25
C SER A 207 37.59 33.46 -6.41
N GLU A 208 38.60 32.66 -6.09
CA GLU A 208 39.28 31.86 -7.10
C GLU A 208 38.58 30.51 -7.12
N GLU A 209 38.07 30.13 -8.30
CA GLU A 209 37.41 28.85 -8.47
C GLU A 209 38.19 27.97 -9.45
N ASN A 210 37.95 26.67 -9.43
CA ASN A 210 38.72 25.75 -10.26
C ASN A 210 37.95 24.89 -11.26
N LEU A 211 36.67 25.20 -11.42
CA LEU A 211 35.85 24.56 -12.44
C LEU A 211 35.25 25.64 -13.31
N TYR A 212 35.58 25.59 -14.60
CA TYR A 212 35.16 26.63 -15.53
C TYR A 212 34.27 26.08 -16.65
N ILE A 213 33.05 26.60 -16.71
CA ILE A 213 32.09 26.19 -17.73
C ILE A 213 32.29 27.04 -18.97
N GLU A 214 32.41 26.40 -20.12
CA GLU A 214 32.60 27.11 -21.37
C GLU A 214 31.82 26.45 -22.50
N GLU A 215 30.62 26.99 -22.77
CA GLU A 215 29.82 26.59 -23.92
C GLU A 215 30.03 27.59 -25.05
N GLU A 216 29.36 27.38 -26.18
CA GLU A 216 29.47 28.31 -27.31
C GLU A 216 28.66 29.57 -27.05
N ASN A 217 27.59 29.43 -26.27
CA ASN A 217 26.70 30.53 -25.96
C ASN A 217 26.75 30.99 -24.51
N ALA A 218 27.75 30.52 -23.75
CA ALA A 218 27.83 30.82 -22.32
C ALA A 218 29.19 30.62 -21.68
N ILE A 219 29.38 31.31 -20.55
CA ILE A 219 30.52 31.15 -19.67
C ILE A 219 30.00 30.85 -18.26
N GLY A 220 30.81 30.21 -17.42
CA GLY A 220 30.38 29.94 -16.05
C GLY A 220 31.42 29.31 -15.16
N PHE A 221 31.00 28.98 -13.94
CA PHE A 221 31.83 28.26 -12.98
C PHE A 221 31.02 27.39 -12.05
N VAL A 222 31.70 26.46 -11.39
CA VAL A 222 31.08 25.61 -10.39
C VAL A 222 31.82 25.79 -9.07
N LYS A 223 31.08 26.09 -8.00
CA LYS A 223 31.66 26.27 -6.67
C LYS A 223 31.12 25.22 -5.70
N PRO A 224 32.00 24.42 -5.10
CA PRO A 224 31.51 23.32 -4.27
C PRO A 224 31.09 23.75 -2.86
N TYR A 225 30.07 23.06 -2.34
CA TYR A 225 29.73 23.15 -0.94
C TYR A 225 30.59 22.15 -0.14
N ALA A 226 30.72 22.39 1.16
CA ALA A 226 31.47 21.49 2.05
C ALA A 226 30.98 20.04 1.97
N LYS A 227 31.87 19.10 2.27
CA LYS A 227 31.61 17.64 2.15
C LYS A 227 31.49 17.14 0.71
N ASN A 228 31.42 18.06 -0.25
CA ASN A 228 31.41 17.76 -1.69
C ASN A 228 30.27 16.91 -2.24
N HIS A 229 29.08 17.10 -1.72
CA HIS A 229 27.90 16.42 -2.24
C HIS A 229 27.14 17.34 -3.19
N TYR A 230 27.21 18.63 -2.90
CA TYR A 230 26.49 19.61 -3.69
C TYR A 230 27.39 20.73 -4.16
N SER A 231 27.04 21.30 -5.30
CA SER A 231 27.74 22.43 -5.86
C SER A 231 26.77 23.52 -6.26
N PHE A 232 27.30 24.71 -6.46
CA PHE A 232 26.56 25.84 -6.98
C PHE A 232 27.08 26.08 -8.39
N VAL A 233 26.18 26.06 -9.36
CA VAL A 233 26.51 26.31 -10.77
C VAL A 233 26.07 27.72 -11.14
N ALA A 234 26.98 28.48 -11.75
CA ALA A 234 26.69 29.84 -12.20
C ALA A 234 26.99 29.98 -13.69
N ILE A 235 26.02 30.51 -14.43
CA ILE A 235 26.11 30.56 -15.88
C ILE A 235 25.80 31.97 -16.38
N LEU A 236 26.71 32.47 -17.20
CA LEU A 236 26.59 33.81 -17.76
C LEU A 236 26.38 33.64 -19.26
N PRO A 237 25.12 33.75 -19.72
CA PRO A 237 24.87 33.64 -21.17
C PRO A 237 25.42 34.84 -21.94
N ASP A 238 25.80 34.60 -23.20
CA ASP A 238 26.38 35.61 -24.07
C ASP A 238 25.44 36.76 -24.39
N GLU A 239 26.01 37.91 -24.73
CA GLU A 239 25.25 39.05 -25.24
C GLU A 239 25.09 38.99 -26.77
N ASN A 240 25.99 38.25 -27.42
CA ASN A 240 25.96 38.10 -28.88
C ASN A 240 24.84 37.18 -29.40
N ILE A 241 23.88 36.86 -28.53
CA ILE A 241 22.67 36.15 -28.93
C ILE A 241 21.48 36.77 -28.19
N SER A 242 20.27 36.52 -28.70
CA SER A 242 19.06 36.97 -28.03
C SER A 242 18.82 36.16 -26.75
N VAL A 243 18.12 36.78 -25.79
CA VAL A 243 17.77 36.13 -24.52
C VAL A 243 16.80 34.96 -24.74
N ASN A 244 15.84 35.19 -25.63
CA ASN A 244 14.90 34.15 -26.06
C ASN A 244 15.62 33.03 -26.83
N GLU A 245 16.67 33.40 -27.57
CA GLU A 245 17.49 32.44 -28.30
C GLU A 245 18.31 31.52 -27.38
N TYR A 246 18.90 32.10 -26.33
CA TYR A 246 19.71 31.30 -25.41
C TYR A 246 18.91 30.25 -24.66
N ILE A 247 17.72 30.64 -24.17
CA ILE A 247 16.87 29.74 -23.40
C ILE A 247 16.44 28.55 -24.25
N LYS A 248 16.17 28.81 -25.53
CA LYS A 248 15.76 27.79 -26.49
C LYS A 248 16.87 26.80 -26.86
N THR A 249 18.13 27.23 -26.76
CA THR A 249 19.25 26.32 -27.04
C THR A 249 19.49 25.33 -25.92
N LEU A 250 18.97 25.63 -24.73
CA LEU A 250 19.27 24.89 -23.52
C LEU A 250 18.49 23.58 -23.44
N THR A 251 19.18 22.49 -23.12
CA THR A 251 18.55 21.18 -22.99
C THR A 251 18.99 20.46 -21.72
N GLY A 252 18.30 19.37 -21.38
CA GLY A 252 18.65 18.54 -20.24
C GLY A 252 20.02 17.90 -20.33
N GLN A 253 20.31 17.22 -21.44
CA GLN A 253 21.59 16.54 -21.60
C GLN A 253 22.75 17.53 -21.73
N LYS A 254 22.53 18.66 -22.41
CA LYS A 254 23.53 19.72 -22.51
C LYS A 254 23.92 20.25 -21.11
N PHE A 255 22.92 20.46 -20.26
CA PHE A 255 23.14 20.93 -18.89
C PHE A 255 23.95 19.94 -18.05
N ILE A 256 23.65 18.65 -18.19
CA ILE A 256 24.41 17.60 -17.50
C ILE A 256 25.85 17.61 -17.99
N ASP A 257 26.01 17.66 -19.30
CA ASP A 257 27.32 17.52 -19.93
C ASP A 257 28.23 18.73 -19.72
N LEU A 258 27.66 19.94 -19.74
CA LEU A 258 28.47 21.16 -19.60
C LEU A 258 29.16 21.27 -18.23
N ILE A 259 28.49 20.76 -17.21
CA ILE A 259 29.09 20.62 -15.88
C ILE A 259 30.14 19.51 -15.88
N LYS A 260 29.80 18.38 -16.52
CA LYS A 260 30.73 17.25 -16.66
C LYS A 260 32.03 17.63 -17.36
N ASN A 261 31.91 18.46 -18.40
CA ASN A 261 33.07 18.87 -19.21
C ASN A 261 33.76 20.15 -18.71
N ALA A 262 33.30 20.68 -17.58
CA ALA A 262 33.96 21.82 -16.94
C ALA A 262 35.44 21.53 -16.80
N LYS A 263 36.27 22.43 -17.32
CA LYS A 263 37.72 22.22 -17.27
C LYS A 263 38.31 22.62 -15.91
N ILE A 264 39.24 21.80 -15.43
CA ILE A 264 39.92 22.10 -14.18
C ILE A 264 40.92 23.20 -14.46
N THR A 265 40.49 24.44 -14.23
CA THR A 265 41.34 25.60 -14.44
C THR A 265 40.91 26.79 -13.56
N LEU A 266 41.86 27.66 -13.25
CA LEU A 266 41.66 28.77 -12.35
C LEU A 266 40.75 29.84 -12.99
N VAL A 267 39.76 30.29 -12.23
CA VAL A 267 38.81 31.29 -12.71
C VAL A 267 38.47 32.28 -11.61
N ARG A 268 38.67 33.57 -11.90
CA ARG A 268 38.30 34.65 -10.99
C ARG A 268 36.79 34.87 -11.09
N ALA A 269 36.07 34.37 -10.09
CA ALA A 269 34.62 34.33 -10.13
C ALA A 269 33.97 35.42 -9.28
N SER A 270 32.93 36.04 -9.83
CA SER A 270 32.14 37.04 -9.10
C SER A 270 30.73 36.51 -8.89
N LEU A 271 30.36 36.29 -7.63
CA LEU A 271 29.05 35.76 -7.29
C LEU A 271 28.21 36.79 -6.53
N PRO A 272 27.09 37.23 -7.12
CA PRO A 272 26.19 38.17 -6.44
C PRO A 272 25.58 37.55 -5.19
N LYS A 273 25.51 38.34 -4.13
CA LYS A 273 24.82 37.98 -2.91
C LYS A 273 23.35 38.27 -3.14
N PHE A 274 22.48 37.32 -2.83
CA PHE A 274 21.04 37.52 -3.01
C PHE A 274 20.17 36.71 -2.06
N LYS A 275 19.03 37.28 -1.73
CA LYS A 275 18.06 36.66 -0.85
C LYS A 275 16.67 37.09 -1.29
N TYR A 276 15.83 36.12 -1.65
CA TYR A 276 14.45 36.42 -2.06
C TYR A 276 13.50 35.24 -1.91
N GLU A 277 12.21 35.56 -1.99
CA GLU A 277 11.14 34.56 -2.11
C GLU A 277 10.53 34.68 -3.50
N TYR A 278 9.95 33.58 -3.97
CA TYR A 278 9.35 33.50 -5.31
C TYR A 278 8.14 32.59 -5.28
N THR A 279 7.11 32.98 -6.01
CA THR A 279 5.91 32.18 -6.16
C THR A 279 5.57 32.05 -7.65
N ILE A 280 5.31 30.83 -8.09
CA ILE A 280 4.82 30.60 -9.45
C ILE A 280 3.65 29.60 -9.47
N LYS A 281 2.55 29.99 -10.12
CA LYS A 281 1.47 29.06 -10.42
C LYS A 281 1.90 28.29 -11.67
N MET A 282 2.13 26.99 -11.52
CA MET A 282 2.77 26.18 -12.56
C MET A 282 1.83 25.59 -13.62
N ASN A 283 0.55 25.94 -13.57
CA ASN A 283 -0.44 25.41 -14.51
C ASN A 283 -0.01 25.55 -15.98
N GLU A 284 0.24 26.79 -16.41
CA GLU A 284 0.59 27.07 -17.81
C GLU A 284 1.91 26.43 -18.22
N THR A 285 2.85 26.37 -17.29
CA THR A 285 4.17 25.79 -17.52
C THR A 285 4.05 24.29 -17.82
N LEU A 286 3.18 23.62 -17.07
CA LEU A 286 3.02 22.17 -17.18
C LEU A 286 2.18 21.75 -18.38
N GLU A 287 1.22 22.62 -18.75
CA GLU A 287 0.44 22.45 -19.97
C GLU A 287 1.37 22.49 -21.18
N SER A 288 2.41 23.34 -21.11
CA SER A 288 3.35 23.50 -22.22
C SER A 288 4.34 22.35 -22.32
N LEU A 289 4.34 21.47 -21.32
CA LEU A 289 5.13 20.24 -21.36
C LEU A 289 4.28 19.05 -21.83
N GLY A 290 3.01 19.30 -22.12
CA GLY A 290 2.11 18.26 -22.63
C GLY A 290 1.13 17.72 -21.60
N MET A 291 1.15 18.29 -20.41
CA MET A 291 0.23 17.90 -19.34
C MET A 291 -0.99 18.82 -19.35
N THR A 292 -1.98 18.50 -20.19
CA THR A 292 -3.09 19.41 -20.44
C THR A 292 -4.43 18.94 -19.84
N ASP A 293 -4.70 17.64 -19.94
CA ASP A 293 -5.95 17.06 -19.42
C ASP A 293 -6.16 17.24 -17.92
N ALA A 294 -5.09 17.13 -17.15
CA ALA A 294 -5.15 17.23 -15.68
C ALA A 294 -5.78 18.55 -15.18
N PHE A 295 -5.67 19.59 -15.99
CA PHE A 295 -6.10 20.92 -15.61
C PHE A 295 -7.50 21.27 -16.13
N LEU A 296 -8.15 20.31 -16.81
CA LEU A 296 -9.42 20.55 -17.48
C LEU A 296 -10.53 19.67 -16.90
N PRO A 297 -11.42 20.27 -16.08
CA PRO A 297 -12.52 19.59 -15.38
C PRO A 297 -13.38 18.65 -16.24
N ASP A 298 -13.47 18.92 -17.54
CA ASP A 298 -14.27 18.11 -18.43
C ASP A 298 -13.48 16.92 -18.99
N LYS A 299 -12.16 16.95 -18.80
CA LYS A 299 -11.24 15.96 -19.38
C LYS A 299 -10.49 15.10 -18.36
N ALA A 300 -10.01 15.73 -17.28
CA ALA A 300 -9.16 15.05 -16.29
C ALA A 300 -9.71 13.72 -15.81
N ASP A 301 -8.84 12.74 -15.66
CA ASP A 301 -9.22 11.47 -15.07
C ASP A 301 -8.32 11.19 -13.86
N PHE A 302 -8.84 11.49 -12.67
CA PHE A 302 -8.12 11.24 -11.43
C PHE A 302 -8.85 10.22 -10.57
N SER A 303 -9.46 9.25 -11.24
CA SER A 303 -10.32 8.24 -10.62
C SER A 303 -9.55 7.24 -9.75
N LYS A 304 -8.22 7.24 -9.88
CA LYS A 304 -7.38 6.35 -9.08
C LYS A 304 -7.02 6.95 -7.72
N LEU A 305 -7.31 8.24 -7.53
CA LEU A 305 -7.16 8.88 -6.23
C LEU A 305 -8.23 8.35 -5.30
N GLY A 306 -9.42 8.12 -5.84
CA GLY A 306 -10.57 7.68 -5.08
C GLY A 306 -11.90 8.18 -5.62
N LYS A 307 -12.96 8.00 -4.81
CA LYS A 307 -14.34 8.32 -5.19
C LYS A 307 -14.78 9.73 -4.75
N SER A 308 -15.35 10.49 -5.68
CA SER A 308 -15.95 11.79 -5.40
C SER A 308 -17.47 11.77 -5.57
N ASP A 309 -18.15 12.52 -4.70
CA ASP A 309 -19.60 12.71 -4.80
C ASP A 309 -19.94 14.16 -5.14
N ILE A 310 -18.90 14.93 -5.50
CA ILE A 310 -19.02 16.38 -5.72
C ILE A 310 -18.82 16.81 -7.18
N GLY A 311 -18.29 15.91 -8.00
CA GLY A 311 -18.05 16.20 -9.42
C GLY A 311 -16.75 15.61 -9.91
N ASN A 312 -16.40 15.89 -11.16
CA ASN A 312 -15.14 15.39 -11.70
C ASN A 312 -13.95 16.11 -11.09
N LEU A 313 -13.02 15.33 -10.55
CA LEU A 313 -11.83 15.87 -9.89
C LEU A 313 -10.75 16.24 -10.89
N TYR A 314 -10.12 17.39 -10.66
CA TYR A 314 -9.06 17.90 -11.53
C TYR A 314 -8.10 18.76 -10.72
N ILE A 315 -6.93 19.06 -11.28
CA ILE A 315 -5.96 19.97 -10.67
C ILE A 315 -6.34 21.41 -10.98
N SER A 316 -6.70 22.18 -9.94
CA SER A 316 -6.97 23.60 -10.11
C SER A 316 -5.69 24.41 -10.12
N GLU A 317 -4.72 23.99 -9.30
CA GLU A 317 -3.39 24.59 -9.37
C GLU A 317 -2.25 23.74 -8.81
N VAL A 318 -1.09 23.96 -9.43
CA VAL A 318 0.18 23.52 -8.90
C VAL A 318 0.87 24.79 -8.42
N LEU A 319 0.85 25.01 -7.11
CA LEU A 319 1.55 26.13 -6.52
C LEU A 319 2.99 25.76 -6.17
N HIS A 320 3.93 26.63 -6.56
CA HIS A 320 5.34 26.42 -6.31
C HIS A 320 5.93 27.67 -5.66
N LYS A 321 6.34 27.53 -4.40
CA LYS A 321 6.95 28.61 -3.66
C LYS A 321 8.38 28.24 -3.26
N THR A 322 9.30 29.17 -3.45
CA THR A 322 10.71 28.94 -3.18
C THR A 322 11.32 30.10 -2.41
N PHE A 323 12.49 29.85 -1.82
CA PHE A 323 13.25 30.84 -1.06
C PHE A 323 14.72 30.48 -1.20
N ILE A 324 15.59 31.48 -1.34
CA ILE A 324 17.03 31.25 -1.38
C ILE A 324 17.80 32.40 -0.73
N SER A 325 18.91 32.09 -0.07
CA SER A 325 19.85 33.09 0.42
C SER A 325 21.27 32.66 0.14
N VAL A 326 21.92 33.35 -0.79
CA VAL A 326 23.32 33.11 -1.10
C VAL A 326 24.16 34.22 -0.48
N ASP A 327 25.01 33.84 0.47
CA ASP A 327 25.85 34.77 1.17
C ASP A 327 27.29 34.24 1.26
N GLU A 328 28.06 34.82 2.18
CA GLU A 328 29.49 34.55 2.33
C GLU A 328 29.79 33.16 2.89
N LEU A 329 28.82 32.60 3.60
CA LEU A 329 29.05 31.35 4.32
C LEU A 329 28.49 30.14 3.59
N GLY A 330 27.46 30.36 2.77
CA GLY A 330 26.85 29.27 2.01
C GLY A 330 25.54 29.63 1.36
N THR A 331 24.63 28.67 1.39
CA THR A 331 23.33 28.81 0.73
C THR A 331 22.25 28.11 1.52
N LYS A 332 21.16 28.83 1.75
CA LYS A 332 19.93 28.26 2.26
C LYS A 332 18.91 28.31 1.13
N ALA A 333 18.21 27.20 0.91
CA ALA A 333 17.20 27.15 -0.15
C ALA A 333 16.04 26.23 0.23
N GLY A 334 14.84 26.72 -0.03
CA GLY A 334 13.63 25.99 0.31
C GLY A 334 12.65 25.98 -0.82
N ALA A 335 11.86 24.91 -0.90
CA ALA A 335 10.82 24.80 -1.93
C ALA A 335 9.60 24.04 -1.43
N VAL A 336 8.43 24.51 -1.86
CA VAL A 336 7.20 23.79 -1.63
C VAL A 336 6.45 23.68 -2.96
N THR A 337 5.97 22.48 -3.27
CA THR A 337 5.03 22.29 -4.36
C THR A 337 3.75 21.69 -3.81
N SER A 338 2.64 22.43 -3.93
CA SER A 338 1.34 21.88 -3.56
C SER A 338 0.47 21.72 -4.80
N VAL A 339 -0.12 20.53 -4.94
CA VAL A 339 -1.02 20.20 -6.04
C VAL A 339 -2.45 20.15 -5.50
N ASP A 340 -3.33 20.97 -6.07
CA ASP A 340 -4.68 21.12 -5.55
C ASP A 340 -5.74 20.40 -6.37
N ILE A 341 -6.36 19.39 -5.75
CA ILE A 341 -7.39 18.57 -6.36
C ILE A 341 -8.79 19.06 -5.94
N THR A 342 -9.57 19.51 -6.93
CA THR A 342 -10.86 20.14 -6.66
C THR A 342 -11.98 19.65 -7.58
N ALA A 343 -13.22 19.93 -7.19
CA ALA A 343 -14.40 19.36 -7.84
C ALA A 343 -15.02 20.29 -8.89
N ALA A 344 -14.94 21.59 -8.66
CA ALA A 344 -15.70 22.53 -9.47
C ALA A 344 -14.84 23.71 -9.95
N GLY A 345 -15.45 24.55 -10.79
CA GLY A 345 -14.83 25.77 -11.26
C GLY A 345 -13.81 25.54 -12.37
N ILE A 346 -13.09 26.60 -12.71
CA ILE A 346 -12.10 26.58 -13.78
C ILE A 346 -10.98 27.60 -13.50
N PRO A 347 -9.71 27.16 -13.54
CA PRO A 347 -8.58 28.09 -13.34
C PRO A 347 -8.48 29.12 -14.46
N VAL A 348 -8.04 30.33 -14.11
CA VAL A 348 -7.67 31.36 -15.10
C VAL A 348 -6.25 31.84 -14.79
N ASN A 349 -5.39 31.82 -15.81
CA ASN A 349 -3.99 32.13 -15.66
C ASN A 349 -3.48 33.12 -16.72
N PHE A 350 -2.60 34.04 -16.29
CA PHE A 350 -1.84 34.89 -17.21
C PHE A 350 -0.38 34.51 -17.10
N LYS A 351 0.40 34.80 -18.15
CA LYS A 351 1.81 34.45 -18.17
C LYS A 351 2.62 35.54 -18.87
N THR A 352 3.75 35.91 -18.28
CA THR A 352 4.62 36.91 -18.89
C THR A 352 5.89 36.28 -19.49
N VAL A 353 6.46 36.95 -20.49
CA VAL A 353 7.65 36.45 -21.17
C VAL A 353 8.91 37.15 -20.65
N LYS A 354 9.97 36.37 -20.45
CA LYS A 354 11.28 36.90 -20.09
C LYS A 354 11.90 37.66 -21.28
N LEU A 355 12.33 38.90 -21.02
CA LEU A 355 12.89 39.74 -22.07
C LEU A 355 14.32 40.19 -21.77
N ASN A 356 14.74 40.05 -20.52
CA ASN A 356 16.05 40.52 -20.08
C ASN A 356 17.05 39.39 -19.87
N ARG A 357 18.33 39.68 -20.08
CA ARG A 357 19.39 38.69 -19.92
C ARG A 357 19.67 38.41 -18.45
N PRO A 358 19.45 37.16 -18.00
CA PRO A 358 19.65 36.79 -16.61
C PRO A 358 20.99 36.14 -16.28
N PHE A 359 21.50 36.42 -15.08
CA PHE A 359 22.53 35.60 -14.46
C PHE A 359 21.83 34.34 -14.02
N ILE A 360 22.19 33.21 -14.63
CA ILE A 360 21.56 31.92 -14.33
C ILE A 360 22.37 31.14 -13.28
N PHE A 361 21.66 30.44 -12.41
CA PHE A 361 22.30 29.58 -11.41
C PHE A 361 21.53 28.30 -11.09
N ALA A 362 22.24 27.34 -10.50
CA ALA A 362 21.64 26.09 -10.06
C ALA A 362 22.39 25.51 -8.86
N ILE A 363 21.66 24.87 -7.97
CA ILE A 363 22.26 24.04 -6.93
C ILE A 363 22.11 22.61 -7.41
N ILE A 364 23.24 21.93 -7.56
CA ILE A 364 23.25 20.62 -8.19
C ILE A 364 23.74 19.51 -7.27
N ASP A 365 23.14 18.33 -7.43
CA ASP A 365 23.58 17.09 -6.78
C ASP A 365 24.79 16.57 -7.57
N ASN A 366 25.96 16.51 -6.92
CA ASN A 366 27.22 16.23 -7.61
C ASN A 366 27.36 14.86 -8.23
N SER A 367 26.53 13.92 -7.79
CA SER A 367 26.63 12.54 -8.23
C SER A 367 25.73 12.27 -9.45
N THR A 368 24.92 13.26 -9.80
CA THR A 368 24.10 13.19 -11.01
C THR A 368 24.27 14.42 -11.91
N ASN A 369 24.63 15.54 -11.29
CA ASN A 369 24.59 16.88 -11.90
C ASN A 369 23.17 17.46 -12.05
N LEU A 370 22.18 16.73 -11.53
CA LEU A 370 20.79 17.20 -11.55
C LEU A 370 20.62 18.47 -10.70
N PRO A 371 19.86 19.44 -11.21
CA PRO A 371 19.64 20.68 -10.47
C PRO A 371 18.50 20.58 -9.45
N ILE A 372 18.85 20.56 -8.16
CA ILE A 372 17.87 20.57 -7.07
C ILE A 372 17.07 21.87 -7.15
N PHE A 373 17.79 22.95 -7.40
CA PHE A 373 17.22 24.26 -7.61
C PHE A 373 17.78 24.81 -8.90
N ILE A 374 16.98 25.60 -9.61
CA ILE A 374 17.48 26.39 -10.74
C ILE A 374 16.74 27.71 -10.80
N GLY A 375 17.47 28.82 -10.91
CA GLY A 375 16.86 30.15 -10.84
C GLY A 375 17.62 31.24 -11.57
N THR A 376 17.10 32.48 -11.45
CA THR A 376 17.71 33.64 -12.11
C THR A 376 17.80 34.84 -11.15
N VAL A 377 18.86 35.63 -11.30
CA VAL A 377 19.02 36.91 -10.60
C VAL A 377 19.57 37.96 -11.56
N LEU A 378 19.36 39.22 -11.21
CA LEU A 378 19.94 40.36 -11.91
C LEU A 378 19.41 40.56 -13.32
N SER A 379 19.73 41.73 -13.87
CA SER A 379 19.39 42.05 -15.24
C SER A 379 20.63 42.57 -15.93
N LEU A 380 21.32 41.66 -16.62
CA LEU A 380 22.60 41.93 -17.26
C LEU A 380 22.42 42.69 -18.57
N ASP B 1 8.78 -7.42 -9.43
CA ASP B 1 7.86 -6.29 -9.79
C ASP B 1 6.66 -6.21 -8.86
N ARG B 2 6.19 -4.99 -8.61
CA ARG B 2 5.08 -4.74 -7.72
C ARG B 2 3.75 -5.01 -8.43
N ILE B 3 2.94 -5.87 -7.82
CA ILE B 3 1.59 -6.14 -8.31
C ILE B 3 0.64 -5.10 -7.75
N LYS B 4 0.14 -4.24 -8.62
CA LYS B 4 -0.91 -3.28 -8.27
C LYS B 4 -2.26 -3.91 -8.62
N ALA B 5 -3.14 -3.98 -7.63
CA ALA B 5 -4.47 -4.54 -7.82
C ALA B 5 -5.31 -3.70 -8.78
N ASN B 6 -6.12 -4.37 -9.57
CA ASN B 6 -7.03 -3.71 -10.51
C ASN B 6 -8.48 -3.89 -10.09
N PRO B 7 -9.32 -2.86 -10.26
CA PRO B 7 -10.74 -2.97 -9.93
C PRO B 7 -11.39 -4.22 -10.55
N VAL B 8 -12.02 -5.03 -9.72
CA VAL B 8 -12.73 -6.21 -10.18
C VAL B 8 -14.23 -6.09 -9.92
N SER B 9 -15.01 -6.86 -10.67
CA SER B 9 -16.45 -6.85 -10.57
C SER B 9 -16.94 -7.73 -9.41
N GLU B 10 -17.96 -7.24 -8.71
CA GLU B 10 -18.62 -8.01 -7.66
C GLU B 10 -19.58 -9.04 -8.26
N LYS B 11 -19.91 -10.04 -7.46
CA LYS B 11 -20.95 -11.00 -7.81
C LYS B 11 -21.72 -11.32 -6.53
N ASN B 12 -22.90 -10.70 -6.40
CA ASN B 12 -23.75 -10.81 -5.22
C ASN B 12 -23.84 -12.24 -4.70
N ILE B 13 -23.71 -12.38 -3.37
CA ILE B 13 -23.87 -13.66 -2.68
C ILE B 13 -25.31 -14.15 -2.85
N ASP B 14 -25.46 -15.25 -3.59
CA ASP B 14 -26.78 -15.80 -3.93
C ASP B 14 -26.98 -17.21 -3.36
N GLU B 15 -28.15 -17.79 -3.63
CA GLU B 15 -28.51 -19.10 -3.07
C GLU B 15 -27.58 -20.21 -3.56
N LYS B 16 -27.09 -20.07 -4.79
CA LYS B 16 -26.16 -21.04 -5.35
C LYS B 16 -24.86 -21.09 -4.56
N PHE B 17 -24.27 -19.92 -4.30
CA PHE B 17 -23.04 -19.83 -3.52
C PHE B 17 -23.22 -20.40 -2.12
N ILE B 18 -24.29 -19.98 -1.44
CA ILE B 18 -24.54 -20.38 -0.05
C ILE B 18 -24.58 -21.91 0.08
N TYR B 19 -25.42 -22.55 -0.74
CA TYR B 19 -25.62 -23.99 -0.65
C TYR B 19 -24.40 -24.80 -1.02
N ASN B 20 -23.70 -24.36 -2.07
CA ASN B 20 -22.46 -25.02 -2.50
C ASN B 20 -21.34 -24.89 -1.48
N THR B 21 -21.13 -23.69 -0.94
CA THR B 21 -20.18 -23.47 0.15
C THR B 21 -20.53 -24.32 1.36
N ALA B 22 -21.83 -24.38 1.69
CA ALA B 22 -22.31 -25.17 2.82
C ALA B 22 -21.98 -26.64 2.66
N ASP B 23 -22.18 -27.17 1.45
CA ASP B 23 -21.83 -28.56 1.14
C ASP B 23 -20.35 -28.84 1.41
N PHE B 24 -19.48 -27.99 0.88
CA PHE B 24 -18.04 -28.08 1.10
C PHE B 24 -17.69 -27.99 2.58
N SER B 25 -18.31 -27.03 3.26
CA SER B 25 -18.06 -26.78 4.69
C SER B 25 -18.36 -28.01 5.52
N ILE B 26 -19.56 -28.56 5.32
CA ILE B 26 -20.01 -29.73 6.07
C ILE B 26 -19.17 -30.98 5.76
N GLU B 27 -18.93 -31.23 4.47
CA GLU B 27 -18.08 -32.35 4.05
C GLU B 27 -16.67 -32.25 4.65
N LEU B 28 -16.10 -31.05 4.63
CA LEU B 28 -14.81 -30.78 5.25
C LEU B 28 -14.88 -31.02 6.76
N PHE B 29 -15.98 -30.60 7.36
CA PHE B 29 -16.18 -30.74 8.79
C PHE B 29 -16.30 -32.19 9.25
N LYS B 30 -17.13 -32.99 8.57
CA LYS B 30 -17.44 -34.35 9.03
C LYS B 30 -16.26 -35.31 8.92
N ASN B 31 -15.23 -34.88 8.21
CA ASN B 31 -13.99 -35.65 8.10
C ASN B 31 -12.84 -35.06 8.92
N SER B 32 -13.13 -33.97 9.63
CA SER B 32 -12.14 -33.29 10.45
C SER B 32 -12.31 -33.51 11.96
N ILE B 33 -13.17 -34.47 12.32
CA ILE B 33 -13.48 -34.79 13.72
C ILE B 33 -12.55 -35.83 14.36
N ASP B 34 -12.01 -35.46 15.51
CA ASP B 34 -11.11 -36.30 16.26
C ASP B 34 -11.87 -37.09 17.33
N ASP B 35 -11.37 -38.27 17.72
CA ASP B 35 -11.99 -39.08 18.76
C ASP B 35 -11.50 -38.76 20.17
N LYS B 36 -10.38 -38.05 20.28
CA LYS B 36 -9.81 -37.67 21.59
C LYS B 36 -9.87 -36.18 21.85
N GLU B 37 -9.34 -35.38 20.92
CA GLU B 37 -9.30 -33.93 21.05
C GLU B 37 -10.60 -33.28 20.57
N ASN B 38 -10.97 -32.18 21.22
CA ASN B 38 -12.02 -31.30 20.71
C ASN B 38 -11.59 -30.73 19.36
N SER B 39 -12.44 -30.85 18.35
CA SER B 39 -12.07 -30.39 17.01
C SER B 39 -12.69 -29.03 16.69
N LEU B 40 -12.01 -28.26 15.84
CA LEU B 40 -12.51 -26.98 15.37
C LEU B 40 -11.89 -26.69 14.02
N ILE B 41 -12.73 -26.30 13.06
CA ILE B 41 -12.23 -25.84 11.76
C ILE B 41 -12.92 -24.55 11.35
N SER B 42 -12.32 -23.83 10.40
CA SER B 42 -12.97 -22.70 9.75
C SER B 42 -13.07 -22.97 8.25
N PRO B 43 -14.26 -23.41 7.79
CA PRO B 43 -14.53 -23.57 6.37
C PRO B 43 -14.13 -22.34 5.57
N LEU B 44 -14.50 -21.15 6.06
CA LEU B 44 -14.08 -19.88 5.45
C LEU B 44 -12.57 -19.81 5.20
N SER B 45 -11.77 -20.11 6.21
CA SER B 45 -10.32 -20.07 6.11
C SER B 45 -9.80 -21.04 5.06
N ALA B 46 -10.40 -22.24 5.04
CA ALA B 46 -10.02 -23.28 4.08
C ALA B 46 -10.44 -22.91 2.67
N MET B 47 -11.67 -22.43 2.52
CA MET B 47 -12.19 -21.95 1.24
C MET B 47 -11.24 -20.94 0.60
N LEU B 48 -10.87 -19.90 1.35
CA LEU B 48 -10.05 -18.82 0.82
C LEU B 48 -8.65 -19.25 0.41
N ALA B 49 -7.99 -20.03 1.27
CA ALA B 49 -6.66 -20.54 0.97
C ALA B 49 -6.66 -21.48 -0.22
N LEU B 50 -7.69 -22.31 -0.33
CA LEU B 50 -7.79 -23.25 -1.44
C LEU B 50 -8.23 -22.59 -2.75
N ALA B 51 -9.08 -21.56 -2.64
CA ALA B 51 -9.46 -20.77 -3.81
C ALA B 51 -8.23 -20.08 -4.42
N MET B 52 -7.40 -19.48 -3.58
CA MET B 52 -6.14 -18.86 -4.02
C MET B 52 -5.25 -19.86 -4.75
N THR B 53 -5.04 -21.04 -4.13
CA THR B 53 -4.27 -22.13 -4.73
C THR B 53 -4.80 -22.59 -6.10
N ALA B 54 -6.13 -22.72 -6.20
CA ALA B 54 -6.78 -23.16 -7.42
C ALA B 54 -6.49 -22.24 -8.62
N ASN B 55 -6.19 -20.97 -8.35
CA ASN B 55 -5.80 -20.01 -9.38
C ASN B 55 -4.43 -20.33 -9.98
N GLY B 56 -3.68 -21.20 -9.32
CA GLY B 56 -2.42 -21.70 -9.85
C GLY B 56 -2.59 -23.01 -10.59
N ALA B 57 -3.79 -23.59 -10.47
CA ALA B 57 -4.06 -24.91 -11.03
C ALA B 57 -4.56 -24.84 -12.48
N ASP B 58 -4.36 -25.92 -13.21
CA ASP B 58 -4.83 -26.01 -14.59
C ASP B 58 -5.35 -27.41 -14.90
N ASN B 59 -6.06 -27.52 -16.02
CA ASN B 59 -6.58 -28.78 -16.52
C ASN B 59 -7.27 -29.62 -15.43
N GLU B 60 -6.89 -30.89 -15.33
CA GLU B 60 -7.56 -31.83 -14.43
C GLU B 60 -7.46 -31.45 -12.94
N THR B 61 -6.35 -30.80 -12.56
CA THR B 61 -6.16 -30.36 -11.19
C THR B 61 -7.10 -29.22 -10.84
N LEU B 62 -7.18 -28.22 -11.73
CA LEU B 62 -8.12 -27.11 -11.58
C LEU B 62 -9.56 -27.60 -11.56
N ALA B 63 -9.88 -28.51 -12.49
CA ALA B 63 -11.22 -29.08 -12.58
C ALA B 63 -11.64 -29.63 -11.23
N GLN B 64 -10.81 -30.51 -10.67
CA GLN B 64 -11.10 -31.17 -9.38
C GLN B 64 -11.25 -30.20 -8.21
N MET B 65 -10.42 -29.16 -8.18
CA MET B 65 -10.45 -28.18 -7.10
C MET B 65 -11.72 -27.35 -7.16
N GLU B 66 -12.07 -26.89 -8.37
CA GLU B 66 -13.32 -26.16 -8.61
C GLU B 66 -14.53 -26.95 -8.08
N LYS B 67 -14.62 -28.22 -8.47
CA LYS B 67 -15.72 -29.10 -8.08
C LYS B 67 -15.84 -29.26 -6.57
N ALA B 68 -14.72 -29.52 -5.91
CA ALA B 68 -14.68 -29.69 -4.45
C ALA B 68 -15.18 -28.45 -3.71
N LEU B 69 -14.78 -27.28 -4.19
CA LEU B 69 -15.04 -26.01 -3.49
C LEU B 69 -16.42 -25.45 -3.78
N GLY B 70 -16.87 -25.55 -5.04
CA GLY B 70 -18.15 -24.96 -5.44
C GLY B 70 -18.94 -25.67 -6.52
N LYS B 71 -18.72 -26.97 -6.68
CA LYS B 71 -19.42 -27.82 -7.67
C LYS B 71 -19.36 -27.28 -9.11
N ASP B 72 -20.47 -26.69 -9.57
CA ASP B 72 -20.59 -26.17 -10.93
C ASP B 72 -20.13 -24.71 -11.09
N ILE B 73 -19.74 -24.10 -9.98
CA ILE B 73 -19.17 -22.75 -9.99
C ILE B 73 -17.73 -22.81 -10.48
N SER B 74 -17.42 -22.07 -11.54
CA SER B 74 -16.05 -21.98 -12.04
C SER B 74 -15.18 -21.13 -11.11
N ILE B 75 -13.86 -21.28 -11.23
CA ILE B 75 -12.92 -20.52 -10.39
C ILE B 75 -13.02 -19.01 -10.59
N GLU B 76 -13.32 -18.58 -11.82
CA GLU B 76 -13.52 -17.18 -12.15
C GLU B 76 -14.69 -16.58 -11.37
N ASP B 77 -15.80 -17.33 -11.30
CA ASP B 77 -16.98 -16.90 -10.55
C ASP B 77 -16.75 -16.99 -9.04
N LEU B 78 -15.99 -17.99 -8.62
CA LEU B 78 -15.68 -18.17 -7.19
C LEU B 78 -14.84 -17.01 -6.68
N ASN B 79 -13.80 -16.66 -7.44
CA ASN B 79 -13.00 -15.46 -7.18
C ASN B 79 -13.87 -14.23 -6.91
N LYS B 80 -14.81 -13.95 -7.82
CA LYS B 80 -15.74 -12.84 -7.67
C LYS B 80 -16.61 -13.00 -6.41
N TYR B 81 -17.25 -14.17 -6.27
CA TYR B 81 -18.09 -14.48 -5.10
C TYR B 81 -17.34 -14.20 -3.81
N LEU B 82 -16.12 -14.74 -3.71
CA LEU B 82 -15.33 -14.68 -2.49
C LEU B 82 -14.79 -13.29 -2.22
N TYR B 83 -14.45 -12.56 -3.29
CA TYR B 83 -14.07 -11.17 -3.17
C TYR B 83 -15.22 -10.36 -2.57
N THR B 84 -16.43 -10.62 -3.08
CA THR B 84 -17.66 -9.97 -2.60
C THR B 84 -17.98 -10.31 -1.14
N TYR B 85 -17.86 -11.60 -0.80
CA TYR B 85 -18.12 -12.10 0.54
C TYR B 85 -17.22 -11.46 1.59
N MET B 86 -15.90 -11.50 1.34
CA MET B 86 -14.89 -10.84 2.18
C MET B 86 -15.15 -9.33 2.34
N LYS B 87 -15.50 -8.67 1.25
CA LYS B 87 -15.71 -7.22 1.23
C LYS B 87 -16.92 -6.79 2.09
N LYS B 88 -17.97 -7.60 2.08
CA LYS B 88 -19.25 -7.24 2.72
C LYS B 88 -19.52 -7.89 4.08
N LEU B 89 -18.65 -8.82 4.50
CA LEU B 89 -18.76 -9.44 5.83
C LEU B 89 -18.64 -8.40 6.95
N PRO B 90 -19.66 -8.32 7.81
CA PRO B 90 -19.76 -7.34 8.90
C PRO B 90 -18.58 -7.38 9.88
N ASN B 91 -18.06 -6.21 10.22
CA ASN B 91 -16.92 -6.09 11.11
C ASN B 91 -16.98 -4.76 11.83
N GLU B 92 -17.37 -4.81 13.10
CA GLU B 92 -17.50 -3.61 13.92
C GLU B 92 -17.23 -3.93 15.39
N GLU B 93 -17.24 -2.89 16.22
CA GLU B 93 -16.92 -3.01 17.65
C GLU B 93 -17.82 -4.02 18.34
N LYS B 94 -17.21 -4.90 19.14
CA LYS B 94 -17.90 -5.96 19.88
C LYS B 94 -18.50 -7.06 18.98
N SER B 95 -18.14 -7.03 17.69
CA SER B 95 -18.53 -8.04 16.71
C SER B 95 -17.50 -8.05 15.57
N LYS B 96 -16.24 -8.29 15.93
CA LYS B 96 -15.14 -8.20 14.99
C LYS B 96 -14.93 -9.49 14.19
N LEU B 97 -14.65 -9.32 12.90
CA LEU B 97 -14.16 -10.39 12.04
C LEU B 97 -13.20 -9.82 11.01
N THR B 98 -11.94 -10.27 11.06
CA THR B 98 -10.94 -9.87 10.09
C THR B 98 -10.49 -11.07 9.28
N ILE B 99 -10.19 -10.81 8.01
CA ILE B 99 -9.69 -11.83 7.10
C ILE B 99 -8.43 -11.28 6.46
N ALA B 100 -7.40 -12.11 6.37
CA ALA B 100 -6.14 -11.72 5.75
C ALA B 100 -5.57 -12.85 4.93
N ASN B 101 -4.99 -12.50 3.78
CA ASN B 101 -4.34 -13.48 2.92
C ASN B 101 -2.88 -13.12 2.65
N SER B 102 -2.06 -14.12 2.41
CA SER B 102 -0.67 -13.89 2.04
C SER B 102 -0.10 -15.01 1.15
N ILE B 103 0.79 -14.59 0.26
CA ILE B 103 1.56 -15.46 -0.59
C ILE B 103 3.02 -15.25 -0.24
N TRP B 104 3.69 -16.34 0.12
CA TRP B 104 5.12 -16.33 0.38
C TRP B 104 5.79 -17.21 -0.67
N PHE B 105 6.81 -16.68 -1.35
CA PHE B 105 7.49 -17.47 -2.38
C PHE B 105 9.02 -17.39 -2.31
N LYS B 106 9.65 -18.50 -2.68
CA LYS B 106 11.10 -18.68 -2.59
C LYS B 106 11.81 -18.00 -3.76
N GLU B 107 12.94 -17.37 -3.46
CA GLU B 107 13.75 -16.68 -4.47
C GLU B 107 14.38 -17.64 -5.47
N ASN B 108 15.12 -18.63 -4.96
CA ASN B 108 15.87 -19.58 -5.79
C ASN B 108 15.02 -20.72 -6.34
N ASP B 109 15.51 -21.38 -7.40
CA ASP B 109 14.91 -22.60 -7.98
C ASP B 109 13.50 -22.43 -8.57
N PHE B 110 12.92 -21.24 -8.37
CA PHE B 110 11.51 -21.03 -8.65
C PHE B 110 11.27 -19.68 -9.32
N MET B 111 10.46 -19.69 -10.38
CA MET B 111 10.00 -18.46 -11.00
C MET B 111 8.49 -18.37 -10.94
N PRO B 112 7.95 -17.52 -10.05
CA PRO B 112 6.50 -17.37 -9.94
C PRO B 112 5.89 -16.71 -11.18
N SER B 113 4.62 -17.02 -11.43
CA SER B 113 3.87 -16.38 -12.50
C SER B 113 3.27 -15.07 -11.99
N LYS B 114 3.69 -13.96 -12.59
CA LYS B 114 3.18 -12.62 -12.24
C LYS B 114 1.66 -12.52 -12.44
N ASP B 115 1.17 -13.12 -13.53
CA ASP B 115 -0.26 -13.14 -13.86
C ASP B 115 -1.10 -13.79 -12.76
N PHE B 116 -0.55 -14.85 -12.17
CA PHE B 116 -1.18 -15.52 -11.04
C PHE B 116 -1.29 -14.56 -9.85
N LEU B 117 -0.16 -13.98 -9.44
CA LEU B 117 -0.12 -13.01 -8.34
C LEU B 117 -1.05 -11.82 -8.58
N GLN B 118 -1.15 -11.39 -9.84
CA GLN B 118 -2.07 -10.32 -10.20
C GLN B 118 -3.51 -10.71 -9.86
N ILE B 119 -3.92 -11.91 -10.26
CA ILE B 119 -5.26 -12.42 -9.95
C ILE B 119 -5.46 -12.51 -8.43
N ILE B 120 -4.44 -13.02 -7.73
CA ILE B 120 -4.46 -13.10 -6.27
C ILE B 120 -4.62 -11.72 -5.63
N ALA B 121 -3.78 -10.76 -6.04
CA ALA B 121 -3.88 -9.39 -5.54
C ALA B 121 -5.27 -8.79 -5.74
N ASP B 122 -5.82 -8.97 -6.95
CA ASP B 122 -7.10 -8.37 -7.35
C ASP B 122 -8.30 -8.83 -6.51
N TYR B 123 -8.33 -10.13 -6.20
CA TYR B 123 -9.51 -10.76 -5.59
C TYR B 123 -9.32 -11.09 -4.12
N TYR B 124 -8.09 -11.30 -3.69
CA TYR B 124 -7.81 -11.81 -2.35
C TYR B 124 -6.99 -10.85 -1.50
N LYS B 125 -6.63 -9.71 -2.09
CA LYS B 125 -5.94 -8.62 -1.41
C LYS B 125 -4.76 -9.13 -0.58
N ALA B 126 -4.05 -10.12 -1.11
CA ALA B 126 -3.01 -10.81 -0.35
C ALA B 126 -1.71 -10.03 -0.26
N ASP B 127 -1.07 -10.13 0.91
CA ASP B 127 0.31 -9.69 1.08
C ASP B 127 1.20 -10.63 0.27
N ILE B 128 1.99 -10.05 -0.64
CA ILE B 128 2.86 -10.84 -1.50
C ILE B 128 4.30 -10.65 -1.05
N PHE B 129 4.92 -11.75 -0.63
CA PHE B 129 6.28 -11.70 -0.09
C PHE B 129 7.27 -12.59 -0.84
N LYS B 130 8.46 -12.03 -1.04
CA LYS B 130 9.61 -12.77 -1.56
C LYS B 130 10.52 -13.08 -0.38
N ALA B 131 10.83 -14.36 -0.18
CA ALA B 131 11.58 -14.78 1.00
C ALA B 131 12.65 -15.83 0.71
N ALA B 132 13.64 -15.91 1.59
CA ALA B 132 14.73 -16.87 1.47
C ALA B 132 14.27 -18.31 1.62
N PHE B 133 13.21 -18.51 2.42
CA PHE B 133 12.69 -19.83 2.78
C PHE B 133 13.66 -20.57 3.70
N ASP B 134 14.11 -19.85 4.71
CA ASP B 134 15.02 -20.40 5.71
C ASP B 134 14.37 -20.30 7.09
N SER B 135 15.20 -20.25 8.14
CA SER B 135 14.73 -20.11 9.51
C SER B 135 14.12 -18.73 9.78
N SER B 136 14.56 -17.72 9.01
CA SER B 136 14.03 -16.36 9.15
C SER B 136 12.63 -16.25 8.56
N THR B 137 12.39 -16.97 7.47
CA THR B 137 11.07 -17.05 6.82
C THR B 137 10.06 -17.75 7.75
N VAL B 138 10.51 -18.81 8.41
CA VAL B 138 9.66 -19.55 9.37
C VAL B 138 9.06 -18.62 10.42
N SER B 139 9.90 -17.77 11.01
CA SER B 139 9.46 -16.86 12.06
C SER B 139 8.68 -15.65 11.53
N ASP B 140 8.99 -15.20 10.32
CA ASP B 140 8.24 -14.11 9.68
C ASP B 140 6.80 -14.53 9.43
N ILE B 141 6.64 -15.71 8.84
CA ILE B 141 5.34 -16.31 8.58
C ILE B 141 4.56 -16.45 9.89
N ASN B 142 5.21 -17.04 10.89
CA ASN B 142 4.61 -17.20 12.22
C ASN B 142 4.23 -15.88 12.90
N ASN B 143 5.06 -14.86 12.73
CA ASN B 143 4.73 -13.51 13.20
C ASN B 143 3.53 -12.95 12.49
N TRP B 144 3.45 -13.18 11.19
CA TRP B 144 2.36 -12.70 10.37
C TRP B 144 1.04 -13.33 10.79
N VAL B 145 1.06 -14.63 11.09
CA VAL B 145 -0.16 -15.32 11.49
C VAL B 145 -0.59 -14.92 12.91
N LYS B 146 0.40 -14.65 13.78
CA LYS B 146 0.14 -14.16 15.13
C LYS B 146 -0.52 -12.79 15.06
N SER B 147 0.04 -11.94 14.21
CA SER B 147 -0.50 -10.61 13.96
C SER B 147 -1.94 -10.70 13.45
N LYS B 148 -2.15 -11.49 12.40
CA LYS B 148 -3.44 -11.57 11.72
C LYS B 148 -4.52 -12.33 12.50
N THR B 149 -4.11 -13.11 13.50
CA THR B 149 -5.08 -13.77 14.38
C THR B 149 -5.17 -13.10 15.76
N ASN B 150 -4.60 -11.91 15.86
CA ASN B 150 -4.59 -11.14 17.12
C ASN B 150 -3.99 -11.92 18.30
N GLY B 151 -3.02 -12.77 17.99
CA GLY B 151 -2.28 -13.53 19.00
C GLY B 151 -2.86 -14.89 19.34
N MET B 152 -3.96 -15.24 18.69
CA MET B 152 -4.65 -16.49 18.97
C MET B 152 -3.92 -17.72 18.44
N ILE B 153 -3.25 -17.55 17.30
CA ILE B 153 -2.37 -18.58 16.77
C ILE B 153 -1.03 -17.91 16.48
N ASP B 154 0.00 -18.29 17.23
CA ASP B 154 1.30 -17.61 17.14
C ASP B 154 2.34 -18.39 16.34
N LYS B 155 2.00 -19.62 15.96
CA LYS B 155 2.87 -20.46 15.14
C LYS B 155 2.05 -21.35 14.20
N ILE B 156 2.50 -21.47 12.96
CA ILE B 156 1.88 -22.36 11.98
C ILE B 156 2.88 -23.36 11.38
N LEU B 157 4.15 -22.96 11.33
CA LEU B 157 5.19 -23.82 10.78
C LEU B 157 6.29 -24.13 11.80
N ASN B 158 6.81 -25.35 11.74
CA ASN B 158 7.98 -25.77 12.52
C ASN B 158 9.24 -25.80 11.66
N LYS B 159 9.05 -25.77 10.34
CA LYS B 159 10.13 -25.98 9.37
C LYS B 159 9.67 -25.55 7.98
N ILE B 160 10.65 -25.34 7.10
CA ILE B 160 10.41 -25.22 5.66
C ILE B 160 11.31 -26.24 4.96
N ASP B 161 10.71 -27.15 4.19
CA ASP B 161 11.46 -28.16 3.44
C ASP B 161 12.26 -27.52 2.30
N PRO B 162 13.51 -27.98 2.10
CA PRO B 162 14.46 -27.41 1.13
C PRO B 162 13.93 -27.28 -0.29
N GLU B 163 12.76 -27.83 -0.58
CA GLU B 163 12.20 -27.79 -1.94
C GLU B 163 10.83 -27.11 -2.04
N ASP B 164 10.28 -26.68 -0.90
CA ASP B 164 9.05 -25.88 -0.89
C ASP B 164 9.32 -24.58 -1.63
N VAL B 165 8.39 -24.15 -2.49
CA VAL B 165 8.58 -22.93 -3.27
C VAL B 165 7.57 -21.84 -2.97
N MET B 166 6.38 -22.25 -2.51
CA MET B 166 5.30 -21.31 -2.25
C MET B 166 4.42 -21.73 -1.07
N TYR B 167 4.11 -20.75 -0.21
CA TYR B 167 3.08 -20.91 0.81
C TYR B 167 1.93 -19.95 0.54
N LEU B 168 0.71 -20.49 0.57
CA LEU B 168 -0.49 -19.68 0.43
C LEU B 168 -1.21 -19.77 1.76
N ILE B 169 -1.32 -18.63 2.43
CA ILE B 169 -1.78 -18.59 3.81
C ILE B 169 -2.98 -17.67 3.98
N ASN B 170 -4.06 -18.21 4.53
CA ASN B 170 -5.18 -17.40 4.99
C ASN B 170 -5.30 -17.43 6.51
N ALA B 171 -5.58 -16.27 7.09
CA ALA B 171 -5.90 -16.18 8.52
C ALA B 171 -7.26 -15.53 8.71
N VAL B 172 -7.96 -15.96 9.76
CA VAL B 172 -9.28 -15.42 10.12
C VAL B 172 -9.31 -15.17 11.63
N ALA B 173 -9.72 -13.96 12.02
CA ALA B 173 -9.84 -13.62 13.45
C ALA B 173 -11.27 -13.18 13.78
N PHE B 174 -11.90 -13.89 14.70
CA PHE B 174 -13.24 -13.58 15.17
C PHE B 174 -13.18 -13.19 16.64
N ASP B 175 -13.91 -12.14 16.99
CA ASP B 175 -13.92 -11.62 18.36
C ASP B 175 -15.23 -10.85 18.57
N ALA B 176 -16.14 -11.45 19.33
CA ALA B 176 -17.44 -10.86 19.55
C ALA B 176 -17.96 -11.05 20.97
N GLU B 177 -18.77 -10.11 21.43
CA GLU B 177 -19.42 -10.21 22.73
C GLU B 177 -20.84 -10.69 22.54
N TRP B 178 -21.31 -11.52 23.48
CA TRP B 178 -22.70 -11.95 23.53
C TRP B 178 -23.66 -10.75 23.55
N GLU B 179 -24.83 -10.92 22.95
CA GLU B 179 -25.89 -9.91 23.01
C GLU B 179 -26.38 -9.75 24.45
N THR B 180 -26.55 -10.89 25.12
CA THR B 180 -26.82 -10.95 26.55
C THR B 180 -25.68 -11.74 27.16
N VAL B 181 -24.87 -11.08 27.98
CA VAL B 181 -23.72 -11.72 28.63
C VAL B 181 -24.19 -12.61 29.78
N TYR B 182 -23.32 -13.53 30.19
CA TYR B 182 -23.61 -14.35 31.36
C TYR B 182 -23.15 -13.66 32.64
N GLU B 183 -24.03 -13.62 33.63
CA GLU B 183 -23.67 -13.14 34.97
C GLU B 183 -23.08 -14.30 35.77
N LYS B 184 -22.22 -13.98 36.73
CA LYS B 184 -21.56 -15.00 37.55
C LYS B 184 -22.55 -15.92 38.24
N ALA B 185 -23.71 -15.37 38.58
CA ALA B 185 -24.79 -16.14 39.21
C ALA B 185 -25.33 -17.25 38.30
N SER B 186 -25.07 -17.13 37.00
CA SER B 186 -25.65 -18.02 36.00
C SER B 186 -24.74 -19.21 35.64
N VAL B 187 -23.55 -19.24 36.25
CA VAL B 187 -22.54 -20.24 35.93
C VAL B 187 -22.26 -21.17 37.11
N HIS B 188 -22.30 -22.47 36.87
CA HIS B 188 -21.94 -23.46 37.88
C HIS B 188 -20.86 -24.41 37.39
N GLU B 189 -20.15 -25.03 38.33
CA GLU B 189 -19.03 -25.91 38.01
C GLU B 189 -19.30 -27.36 38.37
N ASP B 190 -18.82 -28.27 37.51
CA ASP B 190 -18.97 -29.70 37.71
C ASP B 190 -17.67 -30.44 37.44
N ILE B 191 -17.45 -31.52 38.18
CA ILE B 191 -16.32 -32.41 37.94
C ILE B 191 -16.79 -33.60 37.11
N PHE B 192 -15.97 -34.00 36.13
CA PHE B 192 -16.31 -35.11 35.25
C PHE B 192 -15.05 -35.83 34.77
N THR B 193 -15.19 -37.12 34.44
CA THR B 193 -14.09 -37.89 33.87
C THR B 193 -14.10 -37.74 32.35
N ASP B 194 -12.99 -37.25 31.80
CA ASP B 194 -12.88 -37.00 30.37
C ASP B 194 -12.58 -38.26 29.53
N VAL B 195 -12.34 -38.07 28.24
CA VAL B 195 -12.09 -39.18 27.32
C VAL B 195 -10.70 -39.80 27.45
N TYR B 196 -9.86 -39.21 28.29
CA TYR B 196 -8.55 -39.78 28.59
C TYR B 196 -8.58 -40.63 29.86
N GLY B 197 -9.62 -40.43 30.67
CA GLY B 197 -9.77 -41.16 31.93
C GLY B 197 -9.42 -40.31 33.15
N ASN B 198 -9.26 -39.01 32.94
CA ASN B 198 -8.84 -38.09 33.99
C ASN B 198 -9.96 -37.15 34.43
N ARG B 199 -10.01 -36.90 35.73
CA ARG B 199 -10.99 -35.98 36.31
C ARG B 199 -10.73 -34.55 35.86
N GLN B 200 -11.79 -33.87 35.44
CA GLN B 200 -11.70 -32.56 34.80
C GLN B 200 -12.82 -31.65 35.29
N LYS B 201 -12.64 -30.35 35.12
CA LYS B 201 -13.63 -29.37 35.55
C LYS B 201 -14.32 -28.71 34.34
N VAL B 202 -15.63 -28.55 34.45
CA VAL B 202 -16.43 -27.90 33.42
C VAL B 202 -17.39 -26.88 34.03
N GLU B 203 -17.41 -25.68 33.45
CA GLU B 203 -18.35 -24.65 33.87
C GLU B 203 -19.46 -24.56 32.84
N PHE B 204 -20.69 -24.77 33.29
CA PHE B 204 -21.85 -24.62 32.42
C PHE B 204 -22.47 -23.25 32.61
N MET B 205 -22.58 -22.52 31.51
CA MET B 205 -23.19 -21.21 31.48
C MET B 205 -24.66 -21.34 31.08
N ASN B 206 -25.55 -21.07 32.02
CA ASN B 206 -26.98 -21.21 31.81
C ASN B 206 -27.68 -19.90 31.50
N SER B 207 -28.62 -19.94 30.57
CA SER B 207 -29.39 -18.75 30.19
C SER B 207 -30.70 -19.13 29.52
N GLU B 208 -31.54 -18.13 29.30
CA GLU B 208 -32.75 -18.29 28.50
C GLU B 208 -32.46 -17.82 27.07
N GLU B 209 -32.79 -18.68 26.11
CA GLU B 209 -32.62 -18.36 24.71
C GLU B 209 -33.96 -18.42 23.99
N ASN B 210 -34.04 -17.74 22.85
CA ASN B 210 -35.32 -17.59 22.16
C ASN B 210 -35.37 -18.16 20.74
N LEU B 211 -34.30 -18.84 20.34
CA LEU B 211 -34.25 -19.55 19.05
C LEU B 211 -33.99 -21.04 19.26
N TYR B 212 -34.75 -21.86 18.54
CA TYR B 212 -34.76 -23.30 18.79
C TYR B 212 -34.63 -24.15 17.52
N ILE B 213 -33.53 -24.89 17.44
CA ILE B 213 -33.26 -25.86 16.38
C ILE B 213 -33.99 -27.15 16.68
N GLU B 214 -34.67 -27.70 15.68
CA GLU B 214 -35.25 -29.03 15.78
C GLU B 214 -35.29 -29.72 14.40
N GLU B 215 -34.73 -30.92 14.37
CA GLU B 215 -34.73 -31.75 13.18
C GLU B 215 -35.01 -33.19 13.60
N GLU B 216 -35.15 -34.08 12.63
CA GLU B 216 -35.41 -35.51 12.88
C GLU B 216 -34.48 -36.07 13.95
N ASN B 217 -33.17 -35.89 13.76
CA ASN B 217 -32.17 -36.39 14.69
C ASN B 217 -31.27 -35.28 15.25
N ALA B 218 -31.86 -34.15 15.63
CA ALA B 218 -31.10 -32.99 16.13
C ALA B 218 -31.92 -31.96 16.91
N ILE B 219 -31.40 -31.55 18.05
CA ILE B 219 -32.01 -30.47 18.85
C ILE B 219 -30.95 -29.51 19.35
N GLY B 220 -31.31 -28.23 19.50
CA GLY B 220 -30.39 -27.24 20.04
C GLY B 220 -30.92 -25.82 20.09
N PHE B 221 -30.00 -24.85 20.11
CA PHE B 221 -30.34 -23.43 20.18
C PHE B 221 -29.34 -22.54 19.43
N VAL B 222 -29.77 -21.31 19.14
CA VAL B 222 -28.93 -20.31 18.48
C VAL B 222 -28.82 -19.09 19.38
N LYS B 223 -27.60 -18.74 19.78
CA LYS B 223 -27.38 -17.58 20.66
C LYS B 223 -26.70 -16.43 19.93
N PRO B 224 -27.37 -15.26 19.86
CA PRO B 224 -26.85 -14.14 19.06
C PRO B 224 -25.69 -13.40 19.74
N TYR B 225 -24.77 -12.89 18.91
CA TYR B 225 -23.74 -11.98 19.38
C TYR B 225 -24.25 -10.55 19.21
N ALA B 226 -23.60 -9.60 19.89
CA ALA B 226 -23.97 -8.19 19.83
C ALA B 226 -23.93 -7.65 18.40
N LYS B 227 -24.81 -6.70 18.12
CA LYS B 227 -24.97 -6.10 16.78
C LYS B 227 -25.70 -7.03 15.80
N ASN B 228 -25.93 -8.27 16.22
CA ASN B 228 -26.75 -9.24 15.48
C ASN B 228 -26.22 -9.60 14.08
N HIS B 229 -24.91 -9.65 13.92
CA HIS B 229 -24.30 -10.05 12.65
C HIS B 229 -23.91 -11.52 12.65
N TYR B 230 -23.47 -12.01 13.81
CA TYR B 230 -23.06 -13.41 13.95
C TYR B 230 -23.77 -14.04 15.14
N SER B 231 -23.92 -15.36 15.08
CA SER B 231 -24.62 -16.12 16.12
C SER B 231 -23.87 -17.41 16.44
N PHE B 232 -24.22 -18.01 17.58
CA PHE B 232 -23.64 -19.27 18.00
C PHE B 232 -24.69 -20.37 17.84
N VAL B 233 -24.31 -21.45 17.17
CA VAL B 233 -25.20 -22.60 16.99
C VAL B 233 -24.74 -23.75 17.91
N ALA B 234 -25.67 -24.27 18.70
CA ALA B 234 -25.39 -25.43 19.53
C ALA B 234 -26.29 -26.61 19.16
N ILE B 235 -25.69 -27.76 18.87
CA ILE B 235 -26.42 -28.98 18.54
C ILE B 235 -26.00 -30.11 19.46
N LEU B 236 -26.94 -30.57 20.27
CA LEU B 236 -26.70 -31.61 21.26
C LEU B 236 -26.46 -32.97 20.61
N PRO B 237 -25.79 -33.90 21.32
CA PRO B 237 -25.58 -35.29 20.86
C PRO B 237 -26.82 -35.99 20.30
N GLU B 245 -25.79 -42.03 13.05
CA GLU B 245 -25.95 -41.87 11.61
C GLU B 245 -26.06 -40.41 11.17
N TYR B 246 -26.32 -39.51 12.11
CA TYR B 246 -26.54 -38.07 11.82
C TYR B 246 -25.33 -37.37 11.21
N ILE B 247 -24.14 -37.61 11.76
CA ILE B 247 -22.93 -36.93 11.29
C ILE B 247 -22.56 -37.39 9.89
N LYS B 248 -22.76 -38.68 9.62
CA LYS B 248 -22.45 -39.29 8.32
C LYS B 248 -23.43 -38.87 7.23
N THR B 249 -24.65 -38.50 7.64
CA THR B 249 -25.70 -38.11 6.69
C THR B 249 -25.81 -36.60 6.53
N LEU B 250 -25.12 -35.85 7.39
CA LEU B 250 -25.21 -34.38 7.40
C LEU B 250 -24.70 -33.75 6.11
N THR B 251 -25.49 -32.84 5.55
CA THR B 251 -25.11 -32.13 4.33
C THR B 251 -25.19 -30.61 4.55
N GLY B 252 -24.73 -29.86 3.55
CA GLY B 252 -24.83 -28.40 3.58
C GLY B 252 -26.27 -27.94 3.66
N GLN B 253 -27.08 -28.42 2.73
CA GLN B 253 -28.50 -28.14 2.69
C GLN B 253 -29.19 -28.39 4.03
N LYS B 254 -28.93 -29.56 4.62
CA LYS B 254 -29.50 -29.96 5.90
C LYS B 254 -29.12 -29.01 7.03
N PHE B 255 -27.86 -28.56 7.02
CA PHE B 255 -27.35 -27.62 8.00
C PHE B 255 -27.96 -26.22 7.84
N ILE B 256 -27.99 -25.71 6.61
CA ILE B 256 -28.55 -24.38 6.33
C ILE B 256 -30.03 -24.34 6.70
N ASP B 257 -30.76 -25.39 6.33
CA ASP B 257 -32.20 -25.44 6.55
C ASP B 257 -32.61 -25.66 8.01
N LEU B 258 -31.76 -26.33 8.79
CA LEU B 258 -32.04 -26.57 10.21
C LEU B 258 -31.91 -25.27 11.02
N ILE B 259 -31.15 -24.32 10.50
CA ILE B 259 -31.05 -22.98 11.10
C ILE B 259 -32.15 -22.06 10.56
N LYS B 260 -32.48 -22.22 9.28
CA LYS B 260 -33.56 -21.46 8.66
C LYS B 260 -34.89 -21.69 9.37
N ASN B 261 -35.13 -22.94 9.76
CA ASN B 261 -36.39 -23.34 10.40
C ASN B 261 -36.38 -23.29 11.93
N ALA B 262 -35.48 -22.49 12.51
CA ALA B 262 -35.47 -22.26 13.95
C ALA B 262 -36.74 -21.55 14.40
N LYS B 263 -37.35 -22.03 15.47
CA LYS B 263 -38.62 -21.49 15.97
C LYS B 263 -38.43 -20.54 17.15
N ILE B 264 -39.14 -19.42 17.14
CA ILE B 264 -39.08 -18.43 18.22
C ILE B 264 -39.80 -18.96 19.46
N THR B 265 -39.06 -19.68 20.30
CA THR B 265 -39.59 -20.21 21.57
C THR B 265 -38.50 -20.21 22.66
N LEU B 266 -38.94 -20.14 23.91
CA LEU B 266 -38.03 -20.05 25.05
C LEU B 266 -37.38 -21.40 25.38
N VAL B 267 -36.05 -21.38 25.55
CA VAL B 267 -35.30 -22.56 25.98
C VAL B 267 -34.41 -22.28 27.19
N ARG B 268 -34.34 -23.25 28.10
CA ARG B 268 -33.44 -23.17 29.24
C ARG B 268 -32.07 -23.73 28.83
N ALA B 269 -31.31 -22.90 28.12
CA ALA B 269 -30.06 -23.33 27.49
C ALA B 269 -28.91 -23.44 28.47
N SER B 270 -28.12 -24.50 28.33
CA SER B 270 -26.85 -24.65 29.05
C SER B 270 -25.71 -24.73 28.04
N LEU B 271 -24.73 -23.84 28.18
CA LEU B 271 -23.59 -23.81 27.25
C LEU B 271 -22.27 -24.02 27.99
N PRO B 272 -21.44 -24.96 27.51
CA PRO B 272 -20.15 -25.18 28.16
C PRO B 272 -19.18 -24.03 27.92
N LYS B 273 -18.24 -23.86 28.85
CA LYS B 273 -17.19 -22.88 28.73
C LYS B 273 -15.92 -23.64 28.40
N PHE B 274 -15.40 -23.41 27.20
CA PHE B 274 -14.28 -24.19 26.67
C PHE B 274 -13.23 -23.33 25.96
N LYS B 275 -11.99 -23.78 26.06
CA LYS B 275 -10.85 -23.15 25.40
C LYS B 275 -9.89 -24.23 24.92
N TYR B 276 -9.57 -24.23 23.63
CA TYR B 276 -8.63 -25.21 23.08
C TYR B 276 -8.09 -24.83 21.70
N GLU B 277 -6.99 -25.48 21.32
CA GLU B 277 -6.39 -25.35 20.00
C GLU B 277 -6.61 -26.64 19.23
N TYR B 278 -6.59 -26.56 17.90
CA TYR B 278 -6.74 -27.74 17.04
C TYR B 278 -5.92 -27.59 15.76
N THR B 279 -5.04 -28.55 15.51
CA THR B 279 -4.27 -28.59 14.29
C THR B 279 -4.62 -29.85 13.50
N ILE B 280 -4.89 -29.69 12.21
CA ILE B 280 -5.24 -30.82 11.35
C ILE B 280 -4.64 -30.68 9.95
N LYS B 281 -4.11 -31.80 9.45
CA LYS B 281 -3.62 -31.90 8.09
C LYS B 281 -4.80 -32.30 7.19
N MET B 282 -5.14 -31.46 6.22
CA MET B 282 -6.38 -31.63 5.45
C MET B 282 -6.27 -32.44 4.15
N ASN B 283 -5.07 -32.87 3.80
CA ASN B 283 -4.83 -33.65 2.57
C ASN B 283 -5.85 -34.76 2.33
N GLU B 284 -6.01 -35.62 3.33
CA GLU B 284 -6.83 -36.81 3.23
C GLU B 284 -8.32 -36.50 3.01
N THR B 285 -8.82 -35.51 3.76
CA THR B 285 -10.19 -35.05 3.61
C THR B 285 -10.43 -34.50 2.21
N LEU B 286 -9.58 -33.56 1.79
CA LEU B 286 -9.69 -32.95 0.47
C LEU B 286 -9.63 -33.97 -0.64
N GLU B 287 -8.77 -34.97 -0.49
CA GLU B 287 -8.68 -36.06 -1.45
C GLU B 287 -10.01 -36.78 -1.58
N SER B 288 -10.63 -37.10 -0.44
CA SER B 288 -11.93 -37.77 -0.42
C SER B 288 -13.07 -36.88 -0.94
N LEU B 289 -12.74 -35.66 -1.32
CA LEU B 289 -13.67 -34.72 -1.96
C LEU B 289 -13.34 -34.55 -3.43
N GLY B 290 -12.41 -35.34 -3.94
CA GLY B 290 -12.04 -35.31 -5.34
C GLY B 290 -10.78 -34.53 -5.67
N MET B 291 -10.21 -33.84 -4.68
CA MET B 291 -8.93 -33.16 -4.82
C MET B 291 -7.77 -34.14 -4.77
N THR B 292 -7.61 -34.94 -5.82
CA THR B 292 -6.61 -36.03 -5.81
C THR B 292 -5.32 -35.67 -6.54
N ASP B 293 -5.47 -35.14 -7.76
CA ASP B 293 -4.33 -34.75 -8.61
C ASP B 293 -3.36 -33.79 -7.93
N ALA B 294 -3.90 -32.85 -7.16
CA ALA B 294 -3.13 -31.77 -6.56
C ALA B 294 -2.07 -32.22 -5.57
N PHE B 295 -2.26 -33.40 -4.99
CA PHE B 295 -1.36 -33.93 -3.97
C PHE B 295 -0.34 -34.95 -4.52
N LEU B 296 -0.33 -35.14 -5.84
CA LEU B 296 0.59 -36.09 -6.46
C LEU B 296 1.52 -35.40 -7.46
N PRO B 297 2.85 -35.40 -7.16
CA PRO B 297 3.89 -34.76 -8.00
C PRO B 297 3.88 -35.20 -9.45
N ASP B 298 3.44 -36.43 -9.70
CA ASP B 298 3.33 -36.97 -11.05
C ASP B 298 2.04 -36.51 -11.77
N LYS B 299 1.07 -36.00 -11.01
CA LYS B 299 -0.25 -35.68 -11.58
C LYS B 299 -0.66 -34.20 -11.51
N ALA B 300 -0.13 -33.46 -10.53
CA ALA B 300 -0.55 -32.08 -10.28
C ALA B 300 -0.20 -31.14 -11.44
N ASP B 301 -1.13 -30.26 -11.78
CA ASP B 301 -0.84 -29.20 -12.74
C ASP B 301 -0.93 -27.84 -12.06
N PHE B 302 0.21 -27.34 -11.59
CA PHE B 302 0.28 -26.00 -11.03
C PHE B 302 1.15 -25.08 -11.88
N SER B 303 1.06 -25.24 -13.20
CA SER B 303 1.86 -24.48 -14.16
C SER B 303 1.48 -22.99 -14.23
N LYS B 304 0.23 -22.68 -13.90
CA LYS B 304 -0.23 -21.29 -13.81
C LYS B 304 0.33 -20.59 -12.58
N LEU B 305 0.76 -21.38 -11.61
CA LEU B 305 1.33 -20.89 -10.37
C LEU B 305 2.76 -20.42 -10.61
N GLY B 306 3.51 -21.21 -11.36
CA GLY B 306 4.91 -20.90 -11.67
C GLY B 306 5.71 -22.11 -12.11
N LYS B 307 7.02 -21.93 -12.22
CA LYS B 307 7.90 -22.99 -12.72
C LYS B 307 9.02 -23.34 -11.74
N SER B 308 9.18 -24.64 -11.51
CA SER B 308 10.28 -25.17 -10.72
C SER B 308 11.33 -25.78 -11.63
N ASP B 309 12.59 -25.69 -11.21
CA ASP B 309 13.69 -26.28 -11.98
C ASP B 309 13.91 -27.74 -11.59
N ILE B 310 13.59 -28.08 -10.35
CA ILE B 310 13.87 -29.41 -9.77
C ILE B 310 12.86 -30.48 -10.17
N GLY B 311 11.57 -30.16 -10.08
CA GLY B 311 10.51 -31.12 -10.39
C GLY B 311 9.14 -30.46 -10.38
N ASN B 312 8.15 -31.20 -10.88
CA ASN B 312 6.77 -30.71 -10.98
C ASN B 312 6.19 -30.35 -9.61
N LEU B 313 5.50 -29.20 -9.56
CA LEU B 313 4.96 -28.68 -8.32
C LEU B 313 3.63 -29.30 -7.93
N TYR B 314 3.48 -29.58 -6.62
CA TYR B 314 2.27 -30.14 -6.04
C TYR B 314 2.09 -29.68 -4.58
N ILE B 315 0.94 -30.01 -4.00
CA ILE B 315 0.66 -29.67 -2.61
C ILE B 315 1.12 -30.80 -1.72
N SER B 316 2.17 -30.56 -0.94
CA SER B 316 2.63 -31.54 0.04
C SER B 316 1.68 -31.59 1.24
N GLU B 317 1.24 -30.42 1.71
CA GLU B 317 0.29 -30.34 2.83
C GLU B 317 -0.63 -29.11 2.82
N VAL B 318 -1.87 -29.35 3.24
CA VAL B 318 -2.78 -28.29 3.59
C VAL B 318 -2.90 -28.34 5.11
N LEU B 319 -2.28 -27.35 5.77
CA LEU B 319 -2.30 -27.31 7.23
C LEU B 319 -3.34 -26.33 7.72
N HIS B 320 -4.01 -26.71 8.80
CA HIS B 320 -5.12 -25.95 9.34
C HIS B 320 -5.02 -25.92 10.85
N LYS B 321 -4.84 -24.72 11.40
CA LYS B 321 -4.78 -24.52 12.85
C LYS B 321 -5.90 -23.61 13.28
N THR B 322 -6.58 -23.97 14.37
CA THR B 322 -7.65 -23.14 14.93
C THR B 322 -7.54 -22.98 16.45
N PHE B 323 -8.08 -21.87 16.95
CA PHE B 323 -8.20 -21.60 18.38
C PHE B 323 -9.59 -21.03 18.68
N ILE B 324 -10.21 -21.50 19.74
CA ILE B 324 -11.47 -20.91 20.22
C ILE B 324 -11.45 -20.69 21.73
N SER B 325 -12.19 -19.68 22.16
CA SER B 325 -12.42 -19.42 23.57
C SER B 325 -13.84 -18.90 23.75
N VAL B 326 -14.64 -19.65 24.52
CA VAL B 326 -16.03 -19.29 24.82
C VAL B 326 -16.18 -19.10 26.32
N ASP B 327 -16.57 -17.89 26.72
CA ASP B 327 -16.74 -17.56 28.14
C ASP B 327 -17.96 -16.68 28.39
N GLU B 328 -18.03 -16.08 29.57
CA GLU B 328 -19.15 -15.20 29.94
C GLU B 328 -19.29 -13.97 29.06
N LEU B 329 -18.16 -13.42 28.61
CA LEU B 329 -18.19 -12.21 27.79
C LEU B 329 -18.62 -12.49 26.35
N GLY B 330 -18.07 -13.55 25.75
CA GLY B 330 -18.39 -13.90 24.37
C GLY B 330 -17.46 -14.97 23.80
N THR B 331 -17.14 -14.82 22.51
CA THR B 331 -16.24 -15.76 21.83
C THR B 331 -15.11 -15.05 21.09
N LYS B 332 -13.90 -15.58 21.27
CA LYS B 332 -12.76 -15.28 20.41
C LYS B 332 -12.36 -16.57 19.69
N ALA B 333 -12.25 -16.49 18.37
CA ALA B 333 -11.83 -17.64 17.57
C ALA B 333 -10.85 -17.20 16.50
N GLY B 334 -9.83 -18.02 16.26
CA GLY B 334 -8.87 -17.76 15.19
C GLY B 334 -8.65 -18.98 14.32
N ALA B 335 -8.33 -18.75 13.05
CA ALA B 335 -8.02 -19.84 12.13
C ALA B 335 -6.92 -19.47 11.15
N VAL B 336 -6.07 -20.44 10.85
CA VAL B 336 -5.06 -20.30 9.80
C VAL B 336 -5.16 -21.52 8.90
N THR B 337 -5.14 -21.29 7.59
CA THR B 337 -4.95 -22.37 6.62
C THR B 337 -3.72 -22.08 5.77
N SER B 338 -2.84 -23.07 5.67
CA SER B 338 -1.59 -22.93 4.94
C SER B 338 -1.43 -24.02 3.88
N VAL B 339 -1.35 -23.61 2.62
CA VAL B 339 -1.06 -24.54 1.53
C VAL B 339 0.42 -24.47 1.16
N ASP B 340 1.08 -25.63 1.16
CA ASP B 340 2.50 -25.72 0.89
C ASP B 340 2.74 -26.40 -0.45
N ILE B 341 3.48 -25.71 -1.32
CA ILE B 341 3.76 -26.17 -2.68
C ILE B 341 5.22 -26.62 -2.79
N THR B 342 5.44 -27.86 -3.24
CA THR B 342 6.77 -28.44 -3.30
C THR B 342 7.15 -28.91 -4.69
N ALA B 343 8.44 -29.10 -4.91
CA ALA B 343 8.98 -29.63 -6.16
C ALA B 343 9.49 -31.08 -6.03
N ALA B 344 9.60 -31.57 -4.79
CA ALA B 344 10.17 -32.91 -4.57
C ALA B 344 9.44 -33.74 -3.51
N GLY B 345 9.81 -35.02 -3.43
CA GLY B 345 9.24 -35.92 -2.43
C GLY B 345 7.86 -36.44 -2.79
N ILE B 346 7.26 -37.17 -1.85
CA ILE B 346 5.92 -37.73 -2.03
C ILE B 346 5.27 -37.95 -0.65
N PRO B 347 4.00 -37.52 -0.48
CA PRO B 347 3.32 -37.73 0.80
C PRO B 347 2.96 -39.20 1.05
N VAL B 348 2.91 -39.59 2.32
CA VAL B 348 2.44 -40.92 2.72
C VAL B 348 0.98 -40.83 3.17
N ASN B 349 0.11 -41.55 2.48
CA ASN B 349 -1.31 -41.58 2.81
C ASN B 349 -1.58 -42.29 4.13
N PHE B 350 -2.49 -41.73 4.92
CA PHE B 350 -2.84 -42.28 6.24
C PHE B 350 -4.22 -41.81 6.72
N LYS B 351 -5.11 -42.76 7.00
CA LYS B 351 -6.45 -42.48 7.54
C LYS B 351 -6.77 -43.37 8.74
N THR B 352 -7.45 -42.79 9.72
CA THR B 352 -8.04 -43.57 10.82
C THR B 352 -9.56 -43.40 10.79
N VAL B 353 -10.28 -44.47 11.11
CA VAL B 353 -11.75 -44.41 11.23
C VAL B 353 -12.14 -43.73 12.53
N LYS B 354 -12.93 -42.65 12.43
CA LYS B 354 -13.32 -41.84 13.58
C LYS B 354 -14.77 -42.11 13.99
N LEU B 355 -14.94 -42.73 15.16
CA LEU B 355 -16.26 -43.08 15.67
C LEU B 355 -16.67 -42.15 16.81
N ASN B 356 -16.77 -40.86 16.51
CA ASN B 356 -17.18 -39.84 17.47
C ASN B 356 -18.48 -39.15 17.05
N ARG B 357 -19.47 -39.18 17.94
CA ARG B 357 -20.75 -38.51 17.70
C ARG B 357 -21.00 -37.46 18.80
N PRO B 358 -20.30 -36.32 18.74
CA PRO B 358 -20.13 -35.39 19.85
C PRO B 358 -21.09 -34.18 19.85
N PHE B 359 -20.90 -33.29 20.83
CA PHE B 359 -21.56 -31.98 20.86
C PHE B 359 -21.01 -31.12 19.74
N ILE B 360 -21.89 -30.60 18.90
CA ILE B 360 -21.47 -29.77 17.76
C ILE B 360 -21.80 -28.30 18.02
N PHE B 361 -20.92 -27.42 17.56
CA PHE B 361 -21.17 -25.99 17.60
C PHE B 361 -20.70 -25.28 16.33
N ALA B 362 -21.25 -24.09 16.08
CA ALA B 362 -20.87 -23.27 14.93
C ALA B 362 -21.01 -21.79 15.19
N ILE B 363 -20.06 -21.02 14.68
CA ILE B 363 -20.19 -19.57 14.60
C ILE B 363 -20.60 -19.25 13.16
N ILE B 364 -21.81 -18.71 13.01
CA ILE B 364 -22.40 -18.49 11.68
C ILE B 364 -22.47 -17.01 11.27
N ASP B 365 -22.58 -16.79 9.96
CA ASP B 365 -22.96 -15.51 9.38
C ASP B 365 -24.49 -15.47 9.37
N ASN B 366 -25.08 -14.43 9.98
CA ASN B 366 -26.54 -14.33 10.07
C ASN B 366 -27.25 -14.13 8.73
N SER B 367 -26.55 -13.57 7.75
CA SER B 367 -27.18 -13.24 6.47
C SER B 367 -27.03 -14.34 5.41
N THR B 368 -26.26 -15.38 5.73
CA THR B 368 -26.09 -16.52 4.83
C THR B 368 -26.35 -17.84 5.56
N ASN B 369 -26.20 -17.81 6.88
CA ASN B 369 -26.28 -19.00 7.75
C ASN B 369 -25.06 -19.92 7.64
N LEU B 370 -24.03 -19.45 6.93
CA LEU B 370 -22.80 -20.18 6.72
C LEU B 370 -21.94 -20.24 7.99
N PRO B 371 -21.38 -21.42 8.29
CA PRO B 371 -20.49 -21.55 9.44
C PRO B 371 -19.07 -21.03 9.14
N ILE B 372 -18.76 -19.85 9.67
CA ILE B 372 -17.39 -19.32 9.65
C ILE B 372 -16.48 -20.26 10.44
N PHE B 373 -17.03 -20.84 11.50
CA PHE B 373 -16.36 -21.84 12.33
C PHE B 373 -17.35 -22.97 12.61
N ILE B 374 -16.84 -24.19 12.75
CA ILE B 374 -17.66 -25.34 13.10
C ILE B 374 -16.81 -26.40 13.81
N GLY B 375 -17.27 -26.85 14.98
CA GLY B 375 -16.48 -27.76 15.78
C GLY B 375 -17.23 -28.64 16.76
N THR B 376 -16.47 -29.42 17.51
CA THR B 376 -17.01 -30.41 18.43
C THR B 376 -16.40 -30.27 19.81
N VAL B 377 -17.21 -30.49 20.84
CA VAL B 377 -16.73 -30.62 22.21
C VAL B 377 -17.05 -32.04 22.68
N LEU B 378 -16.02 -32.77 23.09
CA LEU B 378 -16.18 -34.14 23.54
C LEU B 378 -16.64 -34.23 25.00
N SER B 379 -16.88 -35.46 25.47
CA SER B 379 -17.29 -35.75 26.85
C SER B 379 -18.72 -35.32 27.21
N LEU B 380 -19.33 -34.49 26.36
CA LEU B 380 -20.69 -34.03 26.62
C LEU B 380 -21.71 -35.01 26.04
N LYS B 381 -22.58 -35.53 26.90
CA LYS B 381 -23.58 -36.52 26.47
C LYS B 381 -24.99 -35.92 26.36
#